data_8W3V
#
_entry.id   8W3V
#
_cell.length_a   229.124
_cell.length_b   86.006
_cell.length_c   52.620
_cell.angle_alpha   90.00
_cell.angle_beta   94.06
_cell.angle_gamma   90.00
#
_symmetry.space_group_name_H-M   'C 1 2 1'
#
loop_
_entity.id
_entity.type
_entity.pdbx_description
1 polymer 'WD repeat-containing protein 41'
2 water water
#
_entity_poly.entity_id   1
_entity_poly.type   'polypeptide(L)'
_entity_poly.pdbx_seq_one_letter_code
;QNPYTELLVLKAHHDIVRFLVQLDDYRFASAGDDGIVVVWNAQTGEKLLELNGHTQKITAIITFPSLESCEEKNQLILTA
SADRTVIVWDGDTTRQVQRISCFQSTVKCLTVLQRLDVWLSGGNDLCVWNRKLDLLCKTSHLSDTGISALVEIPANCVVA
AVGKELIIFRLVAPTEGSLAWAILEVKRLLDHQDNILSLINVNDLSFVTGSHVGELIIWDALDWTMQAYERNFWDPSPQL
DTQQEIKLCQKSNDISIHHFTCDEENVFAAVGRGLYVYSLQMKRVIACQKTAHDSNVLHVARLPNRQLISCSEDGSVRIW
ELREKQQLELIGDLIGHSSSVEMFLYFEDHGLVTCSADHLIILWKNGERESGL
;
_entity_poly.pdbx_strand_id   A,B
#
# COMPACT_ATOMS: atom_id res chain seq x y z
N PRO A 3 0.83 18.01 -31.52
CA PRO A 3 1.35 16.80 -30.91
C PRO A 3 2.05 17.06 -29.58
N TYR A 4 2.13 16.01 -28.77
CA TYR A 4 3.11 15.92 -27.71
C TYR A 4 3.99 14.73 -28.00
N THR A 5 5.27 15.00 -28.26
CA THR A 5 6.22 13.97 -28.64
C THR A 5 6.83 13.35 -27.38
N GLU A 6 7.63 14.14 -26.65
CA GLU A 6 8.43 13.64 -25.53
C GLU A 6 7.51 13.16 -24.40
N LEU A 7 7.86 12.04 -23.75
CA LEU A 7 7.07 11.63 -22.61
C LEU A 7 7.92 11.02 -21.49
N LEU A 8 7.47 11.26 -20.25
CA LEU A 8 8.05 10.71 -19.05
C LEU A 8 7.02 9.80 -18.41
N VAL A 9 7.48 8.68 -17.90
CA VAL A 9 6.64 7.71 -17.22
C VAL A 9 6.91 7.82 -15.73
N LEU A 10 5.90 8.27 -14.97
CA LEU A 10 6.04 8.48 -13.53
C LEU A 10 5.43 7.28 -12.78
N LYS A 11 6.28 6.58 -12.04
CA LYS A 11 5.95 5.29 -11.45
C LYS A 11 5.97 5.40 -9.94
N ALA A 12 4.94 4.86 -9.31
CA ALA A 12 4.79 4.90 -7.86
C ALA A 12 3.61 4.04 -7.45
N HIS A 13 2.47 4.26 -8.11
CA HIS A 13 1.23 3.60 -7.74
C HIS A 13 1.32 2.12 -8.07
N HIS A 14 0.64 1.29 -7.27
CA HIS A 14 0.55 -0.14 -7.57
C HIS A 14 -0.90 -0.57 -7.76
N ASP A 15 -1.80 0.41 -7.97
CA ASP A 15 -3.19 0.11 -8.33
C ASP A 15 -3.67 1.23 -9.25
N ILE A 16 -4.97 1.23 -9.57
CA ILE A 16 -5.51 2.15 -10.56
C ILE A 16 -5.28 3.58 -10.09
N VAL A 17 -4.74 4.43 -10.97
CA VAL A 17 -4.63 5.86 -10.69
C VAL A 17 -5.88 6.54 -11.25
N ARG A 18 -6.68 7.17 -10.35
CA ARG A 18 -7.97 7.76 -10.70
C ARG A 18 -7.94 9.28 -10.74
N PHE A 19 -7.21 9.91 -9.82
CA PHE A 19 -7.36 11.35 -9.66
C PHE A 19 -6.04 12.05 -9.85
N LEU A 20 -6.10 13.22 -10.50
CA LEU A 20 -5.01 14.18 -10.62
C LEU A 20 -5.53 15.56 -10.24
N VAL A 21 -4.74 16.30 -9.44
CA VAL A 21 -5.18 17.57 -8.90
C VAL A 21 -3.98 18.49 -8.84
N GLN A 22 -4.09 19.63 -9.52
CA GLN A 22 -2.99 20.56 -9.61
C GLN A 22 -2.87 21.26 -8.26
N LEU A 23 -1.65 21.38 -7.76
CA LEU A 23 -1.39 21.95 -6.45
C LEU A 23 -1.04 23.42 -6.59
N ASP A 24 -0.19 23.72 -7.57
CA ASP A 24 0.29 25.09 -7.83
C ASP A 24 0.68 25.15 -9.32
N ASP A 25 1.72 25.93 -9.64
CA ASP A 25 2.04 26.19 -11.04
C ASP A 25 2.90 25.05 -11.62
N TYR A 26 3.48 24.19 -10.79
CA TYR A 26 4.40 23.18 -11.29
C TYR A 26 4.20 21.81 -10.64
N ARG A 27 3.37 21.72 -9.59
CA ARG A 27 3.18 20.44 -8.91
C ARG A 27 1.73 19.96 -9.05
N PHE A 28 1.54 18.62 -8.97
CA PHE A 28 0.23 18.02 -8.96
C PHE A 28 0.27 16.77 -8.09
N ALA A 29 -0.92 16.35 -7.62
CA ALA A 29 -1.01 15.16 -6.81
C ALA A 29 -1.78 14.10 -7.58
N SER A 30 -1.44 12.85 -7.32
CA SER A 30 -2.21 11.77 -7.90
C SER A 30 -2.74 10.93 -6.78
N ALA A 31 -3.86 10.29 -7.03
CA ALA A 31 -4.48 9.44 -6.04
C ALA A 31 -5.06 8.20 -6.72
N GLY A 32 -4.96 7.04 -6.05
CA GLY A 32 -5.28 5.76 -6.68
C GLY A 32 -6.09 4.85 -5.77
N ASP A 33 -6.50 3.71 -6.34
CA ASP A 33 -7.26 2.72 -5.62
C ASP A 33 -6.35 2.01 -4.62
N ASP A 34 -5.06 2.36 -4.67
CA ASP A 34 -4.08 1.81 -3.74
C ASP A 34 -4.06 2.65 -2.47
N GLY A 35 -4.82 3.76 -2.47
CA GLY A 35 -4.99 4.55 -1.27
C GLY A 35 -3.78 5.43 -1.01
N ILE A 36 -2.91 5.54 -2.01
CA ILE A 36 -1.72 6.37 -1.93
C ILE A 36 -2.01 7.68 -2.64
N VAL A 37 -1.39 8.75 -2.14
CA VAL A 37 -1.35 10.04 -2.80
C VAL A 37 0.11 10.40 -3.02
N VAL A 38 0.43 10.91 -4.21
CA VAL A 38 1.82 11.23 -4.55
C VAL A 38 1.87 12.63 -5.10
N VAL A 39 2.94 13.35 -4.77
CA VAL A 39 3.13 14.68 -5.28
C VAL A 39 4.30 14.67 -6.26
N TRP A 40 4.08 15.28 -7.40
CA TRP A 40 4.95 15.19 -8.54
C TRP A 40 5.32 16.58 -9.00
N ASN A 41 6.51 16.69 -9.58
CA ASN A 41 6.95 17.86 -10.30
C ASN A 41 6.55 17.72 -11.75
N ALA A 42 5.75 18.67 -12.24
CA ALA A 42 5.19 18.59 -13.58
C ALA A 42 6.22 19.04 -14.61
N GLN A 43 7.21 19.85 -14.20
CA GLN A 43 8.24 20.30 -15.11
C GLN A 43 9.18 19.13 -15.42
N THR A 44 9.67 18.48 -14.36
CA THR A 44 10.79 17.54 -14.48
C THR A 44 10.28 16.11 -14.41
N GLY A 45 9.17 15.90 -13.69
CA GLY A 45 8.58 14.58 -13.59
C GLY A 45 9.00 13.91 -12.30
N GLU A 46 9.81 14.63 -11.51
CA GLU A 46 10.33 14.12 -10.26
C GLU A 46 9.18 13.77 -9.33
N LYS A 47 9.34 12.66 -8.62
CA LYS A 47 8.48 12.33 -7.52
C LYS A 47 8.95 13.10 -6.26
N LEU A 48 8.05 13.92 -5.67
CA LEU A 48 8.43 14.82 -4.58
C LEU A 48 8.12 14.21 -3.22
N LEU A 49 6.89 13.70 -3.05
CA LEU A 49 6.41 13.25 -1.76
C LEU A 49 5.45 12.10 -1.97
N GLU A 50 5.36 11.24 -0.98
CA GLU A 50 4.31 10.25 -0.90
C GLU A 50 3.54 10.50 0.40
N LEU A 51 2.20 10.47 0.32
CA LEU A 51 1.34 10.55 1.50
C LEU A 51 0.60 9.20 1.66
N ASN A 52 1.01 8.43 2.67
CA ASN A 52 0.48 7.10 2.95
C ASN A 52 -0.26 7.13 4.29
N GLY A 53 -1.49 6.59 4.32
CA GLY A 53 -2.33 6.72 5.50
C GLY A 53 -3.77 6.25 5.28
N HIS A 54 -4.12 5.88 4.05
CA HIS A 54 -5.42 5.33 3.76
C HIS A 54 -5.23 3.84 3.52
N THR A 55 -6.23 3.06 3.88
CA THR A 55 -6.11 1.61 3.85
C THR A 55 -6.99 1.05 2.74
N GLN A 56 -7.73 1.94 2.06
CA GLN A 56 -8.55 1.57 0.93
C GLN A 56 -8.51 2.68 -0.10
N LYS A 57 -9.20 2.44 -1.23
CA LYS A 57 -9.18 3.35 -2.36
C LYS A 57 -9.62 4.75 -1.95
N ILE A 58 -9.03 5.72 -2.62
CA ILE A 58 -9.41 7.10 -2.45
C ILE A 58 -10.60 7.40 -3.34
N THR A 59 -11.58 8.15 -2.80
CA THR A 59 -12.83 8.42 -3.49
C THR A 59 -12.91 9.90 -3.87
N ALA A 60 -12.07 10.76 -3.28
CA ALA A 60 -12.08 12.17 -3.63
C ALA A 60 -10.88 12.87 -3.02
N ILE A 61 -10.39 13.88 -3.73
CA ILE A 61 -9.23 14.64 -3.27
C ILE A 61 -9.39 16.08 -3.74
N ILE A 62 -9.11 17.01 -2.84
CA ILE A 62 -9.08 18.41 -3.19
C ILE A 62 -7.98 19.09 -2.38
N THR A 63 -7.64 20.29 -2.82
CA THR A 63 -6.82 21.21 -2.05
C THR A 63 -7.73 22.24 -1.36
N PHE A 64 -7.33 22.62 -0.17
CA PHE A 64 -7.94 23.75 0.52
C PHE A 64 -6.91 24.86 0.56
N PRO A 65 -6.96 25.81 -0.39
CA PRO A 65 -6.15 27.03 -0.31
C PRO A 65 -6.28 27.76 1.01
N ASN A 74 -1.72 28.38 4.66
CA ASN A 74 -0.98 27.36 3.85
C ASN A 74 -1.97 26.37 3.26
N GLN A 75 -1.62 25.79 2.09
CA GLN A 75 -2.53 24.92 1.36
C GLN A 75 -2.54 23.54 1.97
N LEU A 76 -3.75 23.01 2.18
CA LEU A 76 -3.95 21.67 2.66
C LEU A 76 -4.43 20.77 1.52
N ILE A 77 -4.28 19.48 1.71
CA ILE A 77 -4.83 18.48 0.82
C ILE A 77 -5.74 17.60 1.64
N LEU A 78 -6.96 17.40 1.16
CA LEU A 78 -7.91 16.54 1.82
C LEU A 78 -8.26 15.39 0.92
N THR A 79 -8.31 14.20 1.50
CA THR A 79 -8.62 13.00 0.75
C THR A 79 -9.71 12.22 1.49
N ALA A 80 -10.68 11.69 0.74
CA ALA A 80 -11.67 10.75 1.29
C ALA A 80 -11.42 9.36 0.73
N SER A 81 -11.86 8.34 1.47
CA SER A 81 -11.47 6.97 1.17
C SER A 81 -12.62 6.03 1.51
N ALA A 82 -12.63 4.87 0.87
CA ALA A 82 -13.61 3.83 1.19
C ALA A 82 -13.31 3.22 2.56
N ASP A 83 -12.22 3.70 3.22
CA ASP A 83 -11.94 3.32 4.60
C ASP A 83 -12.80 4.16 5.55
N ARG A 84 -13.71 4.96 4.99
CA ARG A 84 -14.66 5.78 5.77
C ARG A 84 -13.92 6.83 6.61
N THR A 85 -12.81 7.36 6.10
CA THR A 85 -12.17 8.50 6.75
C THR A 85 -11.98 9.59 5.74
N VAL A 86 -11.82 10.82 6.24
CA VAL A 86 -11.21 11.90 5.49
C VAL A 86 -9.91 12.26 6.20
N ILE A 87 -8.79 12.24 5.47
CA ILE A 87 -7.53 12.66 6.04
C ILE A 87 -7.18 14.04 5.51
N VAL A 88 -6.62 14.88 6.39
CA VAL A 88 -6.22 16.23 6.06
C VAL A 88 -4.70 16.31 6.18
N TRP A 89 -4.05 16.72 5.09
CA TRP A 89 -2.60 16.68 4.95
C TRP A 89 -2.04 18.09 4.89
N ASP A 90 -0.87 18.27 5.53
CA ASP A 90 -0.06 19.47 5.38
C ASP A 90 0.86 19.30 4.16
N GLY A 91 0.60 20.11 3.12
CA GLY A 91 1.36 20.05 1.88
C GLY A 91 2.88 20.01 2.15
N ASP A 92 3.39 21.05 2.81
CA ASP A 92 4.83 21.22 3.01
C ASP A 92 5.41 19.98 3.70
N THR A 93 5.07 19.80 4.99
CA THR A 93 5.73 18.79 5.81
C THR A 93 5.30 17.39 5.37
N THR A 94 4.18 17.30 4.64
CA THR A 94 3.62 16.02 4.25
C THR A 94 3.07 15.34 5.49
N ARG A 95 2.90 16.12 6.56
CA ARG A 95 2.41 15.59 7.81
C ARG A 95 0.89 15.41 7.69
N GLN A 96 0.39 14.41 8.40
CA GLN A 96 -1.03 14.16 8.52
C GLN A 96 -1.58 15.00 9.67
N VAL A 97 -2.33 16.05 9.33
CA VAL A 97 -2.88 16.98 10.31
C VAL A 97 -3.95 16.27 11.13
N GLN A 98 -4.86 15.55 10.46
CA GLN A 98 -5.92 14.83 11.17
C GLN A 98 -6.54 13.76 10.27
N ARG A 99 -6.90 12.65 10.89
CA ARG A 99 -7.82 11.68 10.31
C ARG A 99 -9.19 11.89 10.95
N ILE A 100 -10.20 12.18 10.12
CA ILE A 100 -11.56 12.32 10.57
C ILE A 100 -12.30 11.02 10.24
N SER A 101 -12.85 10.37 11.26
CA SER A 101 -13.39 9.02 11.13
C SER A 101 -14.76 8.91 11.79
N CYS A 102 -15.50 10.05 11.83
CA CYS A 102 -16.83 10.11 12.40
C CYS A 102 -17.88 9.89 11.31
N PHE A 103 -17.59 8.99 10.37
CA PHE A 103 -18.52 8.70 9.28
C PHE A 103 -18.93 7.24 9.38
N GLN A 104 -20.21 6.98 9.13
CA GLN A 104 -20.72 5.63 9.08
C GLN A 104 -20.70 5.13 7.63
N SER A 105 -20.49 6.06 6.67
CA SER A 105 -20.47 5.73 5.26
C SER A 105 -19.28 6.41 4.58
N THR A 106 -19.01 6.00 3.34
CA THR A 106 -17.89 6.56 2.59
C THR A 106 -18.26 7.97 2.17
N VAL A 107 -17.39 8.91 2.47
CA VAL A 107 -17.44 10.22 1.85
C VAL A 107 -17.09 10.05 0.39
N LYS A 108 -17.94 10.65 -0.47
CA LYS A 108 -17.90 10.45 -1.91
C LYS A 108 -17.46 11.73 -2.63
N CYS A 109 -17.65 12.89 -2.01
CA CYS A 109 -17.26 14.14 -2.64
C CYS A 109 -16.82 15.17 -1.60
N LEU A 110 -15.95 16.08 -2.05
CA LEU A 110 -15.40 17.16 -1.22
C LEU A 110 -15.45 18.40 -2.08
N THR A 111 -15.83 19.53 -1.49
CA THR A 111 -15.82 20.78 -2.23
C THR A 111 -15.52 21.93 -1.28
N VAL A 112 -14.86 22.96 -1.81
CA VAL A 112 -14.57 24.17 -1.07
C VAL A 112 -15.61 25.21 -1.45
N LEU A 113 -16.14 25.95 -0.44
CA LEU A 113 -16.81 27.23 -0.68
C LEU A 113 -15.83 28.36 -0.39
N GLN A 114 -15.30 28.96 -1.45
CA GLN A 114 -14.17 29.88 -1.34
C GLN A 114 -14.54 31.09 -0.49
N ARG A 115 -15.63 31.76 -0.87
CA ARG A 115 -16.09 32.98 -0.21
C ARG A 115 -16.17 32.75 1.30
N LEU A 116 -16.93 31.72 1.68
CA LEU A 116 -17.21 31.44 3.08
C LEU A 116 -16.03 30.76 3.74
N ASP A 117 -15.11 30.24 2.92
CA ASP A 117 -13.86 29.68 3.40
C ASP A 117 -14.15 28.46 4.28
N VAL A 118 -15.07 27.62 3.81
CA VAL A 118 -15.31 26.30 4.38
C VAL A 118 -15.12 25.26 3.30
N TRP A 119 -15.17 23.99 3.71
CA TRP A 119 -15.21 22.88 2.78
C TRP A 119 -16.25 21.88 3.26
N LEU A 120 -16.74 21.07 2.32
CA LEU A 120 -17.88 20.21 2.54
C LEU A 120 -17.46 18.78 2.28
N SER A 121 -18.00 17.87 3.05
CA SER A 121 -17.96 16.46 2.75
C SER A 121 -19.38 15.99 2.45
N GLY A 122 -19.50 15.14 1.42
CA GLY A 122 -20.78 14.59 1.03
C GLY A 122 -20.74 13.07 1.03
N GLY A 123 -21.52 12.48 1.93
CA GLY A 123 -21.82 11.07 1.90
C GLY A 123 -23.31 10.83 2.14
N ASN A 124 -23.64 10.09 3.18
CA ASN A 124 -25.01 9.96 3.63
C ASN A 124 -25.51 11.33 4.11
N ASP A 125 -24.60 12.16 4.59
CA ASP A 125 -24.95 13.48 5.02
C ASP A 125 -23.97 14.50 4.45
N LEU A 126 -24.41 15.75 4.45
CA LEU A 126 -23.57 16.88 4.15
C LEU A 126 -23.02 17.48 5.45
N CYS A 127 -21.67 17.54 5.56
CA CYS A 127 -21.01 18.18 6.71
C CYS A 127 -20.27 19.43 6.23
N VAL A 128 -20.29 20.47 7.08
CA VAL A 128 -19.60 21.71 6.79
C VAL A 128 -18.44 21.84 7.76
N TRP A 129 -17.25 22.15 7.24
CA TRP A 129 -16.03 22.16 8.02
C TRP A 129 -15.35 23.50 7.84
N ASN A 130 -14.47 23.87 8.79
CA ASN A 130 -13.59 25.01 8.57
C ASN A 130 -12.12 24.53 8.55
N ARG A 131 -11.18 25.46 8.39
CA ARG A 131 -9.78 25.12 8.21
C ARG A 131 -9.25 24.38 9.44
N LYS A 132 -9.71 24.77 10.63
CA LYS A 132 -9.22 24.21 11.89
C LYS A 132 -9.90 22.87 12.14
N LEU A 133 -10.84 22.50 11.26
CA LEU A 133 -11.41 21.15 11.21
C LEU A 133 -12.51 21.00 12.26
N ASP A 134 -13.17 22.11 12.58
CA ASP A 134 -14.38 22.08 13.37
C ASP A 134 -15.55 21.69 12.45
N LEU A 135 -16.38 20.77 12.93
CA LEU A 135 -17.67 20.51 12.32
C LEU A 135 -18.60 21.64 12.69
N LEU A 136 -19.06 22.39 11.68
CA LEU A 136 -19.87 23.59 11.90
C LEU A 136 -21.35 23.21 11.90
N CYS A 137 -21.71 22.31 10.99
CA CYS A 137 -23.04 21.77 10.96
C CYS A 137 -23.05 20.53 10.06
N LYS A 138 -24.14 19.77 10.14
CA LYS A 138 -24.32 18.64 9.27
C LYS A 138 -25.78 18.26 9.22
N THR A 139 -26.25 17.87 8.03
CA THR A 139 -27.54 17.23 7.94
C THR A 139 -27.45 15.97 8.79
N SER A 140 -28.61 15.51 9.28
CA SER A 140 -28.72 14.17 9.83
C SER A 140 -29.73 13.37 9.01
N HIS A 141 -29.34 12.16 8.59
CA HIS A 141 -30.22 11.28 7.84
C HIS A 141 -30.81 12.07 6.67
N LEU A 142 -29.92 12.62 5.85
CA LEU A 142 -30.33 13.25 4.61
C LEU A 142 -30.76 12.19 3.60
N SER A 143 -29.98 11.09 3.52
CA SER A 143 -30.23 10.03 2.56
C SER A 143 -29.48 8.75 2.95
N ASP A 144 -30.04 7.61 2.50
CA ASP A 144 -29.32 6.34 2.48
C ASP A 144 -28.46 6.27 1.21
N THR A 145 -28.90 6.97 0.16
CA THR A 145 -28.31 6.86 -1.18
C THR A 145 -26.86 7.37 -1.14
N GLY A 146 -26.69 8.61 -0.69
CA GLY A 146 -25.39 9.24 -0.65
C GLY A 146 -25.30 10.37 -1.67
N ILE A 147 -24.64 11.45 -1.27
CA ILE A 147 -24.33 12.56 -2.15
C ILE A 147 -23.21 12.12 -3.11
N SER A 148 -23.48 12.25 -4.41
CA SER A 148 -22.54 11.82 -5.44
C SER A 148 -21.80 13.02 -6.05
N ALA A 149 -22.32 14.25 -5.83
CA ALA A 149 -21.66 15.46 -6.30
C ALA A 149 -22.18 16.70 -5.57
N LEU A 150 -21.24 17.59 -5.21
CA LEU A 150 -21.52 18.88 -4.60
C LEU A 150 -20.84 19.95 -5.43
N VAL A 151 -21.61 20.94 -5.84
CA VAL A 151 -21.07 22.02 -6.65
C VAL A 151 -21.59 23.36 -6.10
N GLU A 152 -20.65 24.30 -5.93
CA GLU A 152 -20.97 25.65 -5.51
C GLU A 152 -21.64 26.40 -6.64
N ILE A 153 -22.69 27.15 -6.29
CA ILE A 153 -23.28 28.14 -7.17
C ILE A 153 -23.45 29.44 -6.38
N PRO A 154 -23.81 30.57 -7.04
CA PRO A 154 -23.86 31.88 -6.40
C PRO A 154 -24.67 31.98 -5.11
N ALA A 155 -24.40 33.04 -4.34
CA ALA A 155 -25.19 33.41 -3.18
C ALA A 155 -25.04 32.35 -2.11
N ASN A 156 -23.86 31.72 -2.09
CA ASN A 156 -23.45 30.82 -1.02
C ASN A 156 -24.35 29.59 -1.01
N CYS A 157 -24.84 29.21 -2.17
CA CYS A 157 -25.64 28.00 -2.29
C CYS A 157 -24.77 26.87 -2.83
N VAL A 158 -25.16 25.63 -2.53
CA VAL A 158 -24.48 24.46 -3.00
C VAL A 158 -25.52 23.46 -3.48
N VAL A 159 -25.23 22.84 -4.62
CA VAL A 159 -26.13 21.85 -5.21
C VAL A 159 -25.54 20.47 -4.94
N ALA A 160 -26.38 19.58 -4.41
CA ALA A 160 -25.99 18.20 -4.14
C ALA A 160 -26.80 17.26 -5.01
N ALA A 161 -26.09 16.35 -5.70
CA ALA A 161 -26.72 15.27 -6.43
C ALA A 161 -26.92 14.11 -5.48
N VAL A 162 -28.18 13.64 -5.39
CA VAL A 162 -28.53 12.52 -4.56
C VAL A 162 -29.42 11.59 -5.36
N GLY A 163 -28.81 10.55 -5.96
CA GLY A 163 -29.49 9.69 -6.92
C GLY A 163 -30.02 10.50 -8.11
N LYS A 164 -31.36 10.64 -8.17
CA LYS A 164 -32.07 11.33 -9.25
C LYS A 164 -32.38 12.76 -8.86
N GLU A 165 -32.19 13.10 -7.59
CA GLU A 165 -32.62 14.37 -7.05
C GLU A 165 -31.45 15.34 -6.95
N LEU A 166 -31.78 16.62 -7.10
CA LEU A 166 -30.89 17.70 -6.75
C LEU A 166 -31.47 18.45 -5.57
N ILE A 167 -30.63 18.71 -4.58
CA ILE A 167 -31.02 19.44 -3.39
C ILE A 167 -30.11 20.66 -3.26
N ILE A 168 -30.73 21.84 -3.15
CA ILE A 168 -30.00 23.08 -3.06
C ILE A 168 -30.03 23.57 -1.62
N PHE A 169 -28.84 23.82 -1.06
CA PHE A 169 -28.69 24.35 0.28
C PHE A 169 -28.03 25.70 0.22
N ARG A 170 -28.39 26.58 1.16
CA ARG A 170 -27.70 27.85 1.37
C ARG A 170 -26.98 27.76 2.70
N LEU A 171 -25.73 28.25 2.73
CA LEU A 171 -24.94 28.24 3.94
C LEU A 171 -24.84 29.67 4.45
N VAL A 172 -25.10 29.84 5.77
CA VAL A 172 -25.10 31.17 6.37
C VAL A 172 -24.09 31.18 7.50
N ALA A 173 -23.09 32.09 7.38
CA ALA A 173 -22.09 32.27 8.43
C ALA A 173 -22.73 32.89 9.66
N PRO A 174 -22.21 32.64 10.88
CA PRO A 174 -22.83 33.14 12.09
C PRO A 174 -22.65 34.64 12.19
N THR A 175 -23.47 35.27 13.03
CA THR A 175 -23.21 36.63 13.46
C THR A 175 -21.89 36.66 14.24
N GLU A 176 -21.02 37.62 13.93
CA GLU A 176 -19.86 37.89 14.77
C GLU A 176 -20.34 38.07 16.21
N GLY A 177 -19.88 37.19 17.10
CA GLY A 177 -20.47 37.05 18.43
C GLY A 177 -20.92 35.61 18.69
N SER A 178 -21.45 34.96 17.63
CA SER A 178 -21.90 33.56 17.71
C SER A 178 -21.01 32.67 16.82
N LEU A 179 -21.07 31.36 17.07
CA LEU A 179 -20.35 30.39 16.27
C LEU A 179 -21.33 29.47 15.54
N ALA A 180 -22.63 29.81 15.55
CA ALA A 180 -23.66 28.94 14.99
C ALA A 180 -23.80 29.20 13.48
N TRP A 181 -23.32 28.26 12.69
CA TRP A 181 -23.61 28.23 11.27
C TRP A 181 -25.01 27.69 11.06
N ALA A 182 -25.61 27.94 9.88
CA ALA A 182 -26.85 27.27 9.51
C ALA A 182 -26.77 26.73 8.09
N ILE A 183 -27.47 25.60 7.88
CA ILE A 183 -27.72 25.04 6.54
C ILE A 183 -29.21 25.10 6.28
N LEU A 184 -29.61 25.83 5.26
CA LEU A 184 -31.00 25.89 4.86
C LEU A 184 -31.17 25.15 3.55
N GLU A 185 -32.08 24.18 3.50
CA GLU A 185 -32.55 23.62 2.24
C GLU A 185 -33.48 24.61 1.58
N VAL A 186 -33.26 24.87 0.28
CA VAL A 186 -33.95 25.95 -0.39
C VAL A 186 -34.71 25.43 -1.61
N LYS A 187 -34.38 24.23 -2.09
CA LYS A 187 -35.12 23.63 -3.20
C LYS A 187 -34.73 22.19 -3.41
N ARG A 188 -35.66 21.44 -4.02
CA ARG A 188 -35.40 20.15 -4.57
C ARG A 188 -35.88 20.11 -6.02
N LEU A 189 -35.09 19.47 -6.89
CA LEU A 189 -35.42 19.34 -8.29
C LEU A 189 -35.52 17.87 -8.59
N LEU A 190 -36.62 17.46 -9.22
CA LEU A 190 -36.93 16.05 -9.39
C LEU A 190 -37.31 15.79 -10.83
N ASP A 191 -36.38 16.06 -11.75
CA ASP A 191 -36.68 16.03 -13.15
C ASP A 191 -35.92 14.94 -13.87
N HIS A 192 -34.96 14.31 -13.17
CA HIS A 192 -34.26 13.21 -13.75
C HIS A 192 -35.05 11.92 -13.48
N GLN A 193 -35.17 11.10 -14.52
CA GLN A 193 -35.68 9.74 -14.41
C GLN A 193 -34.53 8.79 -14.14
N ASP A 194 -33.29 9.29 -14.29
CA ASP A 194 -32.11 8.48 -14.07
C ASP A 194 -31.20 9.18 -13.06
N ASN A 195 -30.30 8.41 -12.47
CA ASN A 195 -29.33 8.95 -11.54
C ASN A 195 -28.48 10.03 -12.22
N ILE A 196 -28.14 11.05 -11.44
CA ILE A 196 -27.37 12.16 -11.94
C ILE A 196 -25.90 11.76 -11.98
N LEU A 197 -25.30 11.88 -13.16
CA LEU A 197 -23.94 11.41 -13.40
C LEU A 197 -22.99 12.59 -13.37
N SER A 198 -23.47 13.74 -13.87
CA SER A 198 -22.64 14.93 -14.06
C SER A 198 -23.41 16.15 -13.59
N LEU A 199 -22.75 16.98 -12.77
CA LEU A 199 -23.31 18.23 -12.30
C LEU A 199 -22.25 19.32 -12.38
N ILE A 200 -22.48 20.37 -13.18
CA ILE A 200 -21.43 21.31 -13.52
C ILE A 200 -21.96 22.74 -13.50
N ASN A 201 -21.19 23.65 -12.88
CA ASN A 201 -21.49 25.07 -12.94
C ASN A 201 -20.85 25.65 -14.20
N VAL A 202 -21.71 26.13 -15.12
CA VAL A 202 -21.28 26.90 -16.29
C VAL A 202 -21.40 28.38 -15.96
N ASN A 203 -20.30 29.03 -15.61
CA ASN A 203 -20.17 30.48 -15.70
C ASN A 203 -21.07 31.21 -14.71
N ASP A 204 -21.58 30.51 -13.69
CA ASP A 204 -22.32 31.14 -12.59
C ASP A 204 -23.68 31.69 -13.06
N LEU A 205 -24.13 31.32 -14.27
CA LEU A 205 -25.45 31.72 -14.77
C LEU A 205 -26.34 30.49 -14.95
N SER A 206 -25.69 29.36 -15.25
CA SER A 206 -26.34 28.10 -15.46
C SER A 206 -25.54 27.02 -14.76
N PHE A 207 -26.23 25.92 -14.37
CA PHE A 207 -25.59 24.66 -14.09
C PHE A 207 -26.34 23.58 -14.88
N VAL A 208 -25.64 22.47 -15.18
CA VAL A 208 -26.17 21.48 -16.07
C VAL A 208 -26.01 20.12 -15.40
N THR A 209 -27.02 19.27 -15.57
CA THR A 209 -26.95 17.92 -15.07
C THR A 209 -27.21 16.97 -16.21
N GLY A 210 -26.57 15.80 -16.12
CA GLY A 210 -26.76 14.73 -17.07
C GLY A 210 -26.89 13.40 -16.33
N SER A 211 -27.61 12.47 -16.96
CA SER A 211 -27.71 11.10 -16.50
C SER A 211 -27.11 10.17 -17.57
N HIS A 212 -26.90 8.91 -17.21
CA HIS A 212 -26.20 7.99 -18.09
C HIS A 212 -27.08 7.62 -19.30
N VAL A 213 -28.39 7.85 -19.19
CA VAL A 213 -29.31 7.45 -20.26
C VAL A 213 -29.40 8.56 -21.31
N GLY A 214 -28.81 9.72 -21.04
CA GLY A 214 -28.66 10.76 -22.05
C GLY A 214 -29.57 11.97 -21.81
N GLU A 215 -30.08 12.13 -20.58
CA GLU A 215 -30.78 13.34 -20.20
C GLU A 215 -29.75 14.45 -20.02
N LEU A 216 -30.09 15.64 -20.49
CA LEU A 216 -29.33 16.83 -20.23
C LEU A 216 -30.29 17.93 -19.80
N ILE A 217 -30.06 18.52 -18.63
CA ILE A 217 -30.89 19.61 -18.16
C ILE A 217 -30.00 20.82 -17.87
N ILE A 218 -30.46 21.99 -18.33
CA ILE A 218 -29.79 23.24 -18.03
C ILE A 218 -30.63 24.00 -17.02
N TRP A 219 -29.98 24.47 -15.94
CA TRP A 219 -30.69 25.15 -14.87
C TRP A 219 -30.16 26.56 -14.72
N ASP A 220 -31.05 27.46 -14.25
CA ASP A 220 -30.67 28.80 -13.84
C ASP A 220 -29.96 28.74 -12.50
N ALA A 221 -28.77 29.31 -12.43
CA ALA A 221 -27.95 29.20 -11.25
C ALA A 221 -28.37 30.24 -10.23
N LEU A 222 -29.31 31.12 -10.59
CA LEU A 222 -29.74 32.18 -9.67
C LEU A 222 -31.11 31.86 -9.07
N ASP A 223 -32.06 31.36 -9.89
CA ASP A 223 -33.41 31.11 -9.39
C ASP A 223 -33.73 29.62 -9.37
N TRP A 224 -32.85 28.81 -9.97
CA TRP A 224 -32.90 27.37 -9.81
C TRP A 224 -34.05 26.76 -10.62
N THR A 225 -34.46 27.46 -11.70
CA THR A 225 -35.53 26.97 -12.56
C THR A 225 -34.92 26.28 -13.76
N MET A 226 -35.69 25.35 -14.32
CA MET A 226 -35.30 24.67 -15.56
C MET A 226 -35.29 25.69 -16.69
N GLN A 227 -34.28 25.57 -17.56
CA GLN A 227 -34.16 26.43 -18.72
C GLN A 227 -34.36 25.61 -19.99
N ALA A 228 -33.74 24.42 -20.02
CA ALA A 228 -33.83 23.53 -21.16
C ALA A 228 -33.76 22.08 -20.68
N TYR A 229 -34.31 21.20 -21.49
CA TYR A 229 -34.42 19.81 -21.13
C TYR A 229 -34.33 18.96 -22.40
N GLU A 230 -33.51 17.91 -22.33
CA GLU A 230 -33.44 16.87 -23.33
C GLU A 230 -33.59 15.52 -22.66
N ARG A 231 -34.56 14.69 -23.12
CA ARG A 231 -34.69 13.33 -22.62
C ARG A 231 -33.53 12.49 -23.13
N ASN A 232 -33.10 12.79 -24.36
CA ASN A 232 -31.94 12.18 -24.98
C ASN A 232 -31.31 13.19 -25.93
N PHE A 233 -30.21 13.83 -25.48
CA PHE A 233 -29.72 15.07 -26.08
C PHE A 233 -28.85 14.76 -27.30
N TRP A 234 -28.38 13.52 -27.44
CA TRP A 234 -27.44 13.17 -28.51
C TRP A 234 -28.17 12.49 -29.66
N ASP A 235 -29.16 11.66 -29.34
CA ASP A 235 -29.94 10.97 -30.36
C ASP A 235 -31.18 11.82 -30.70
N ILE A 255 -26.16 2.40 -26.19
CA ILE A 255 -25.01 3.31 -25.88
C ILE A 255 -25.42 4.23 -24.72
N SER A 256 -24.52 4.34 -23.72
CA SER A 256 -24.72 5.23 -22.58
C SER A 256 -23.64 6.33 -22.59
N ILE A 257 -24.00 7.52 -22.05
CA ILE A 257 -23.01 8.57 -21.78
C ILE A 257 -22.23 8.19 -20.52
N HIS A 258 -20.90 8.41 -20.54
CA HIS A 258 -20.02 8.01 -19.45
C HIS A 258 -19.53 9.24 -18.66
N HIS A 259 -19.61 10.42 -19.26
CA HIS A 259 -19.08 11.63 -18.64
C HIS A 259 -19.36 12.83 -19.55
N PHE A 260 -19.53 14.00 -18.91
CA PHE A 260 -19.68 15.29 -19.57
C PHE A 260 -18.72 16.27 -18.93
N THR A 261 -18.29 17.26 -19.71
CA THR A 261 -17.72 18.50 -19.17
C THR A 261 -18.31 19.66 -19.95
N CYS A 262 -17.92 20.89 -19.57
CA CYS A 262 -18.45 22.12 -20.17
C CYS A 262 -17.36 23.18 -20.28
N ASP A 263 -17.46 24.00 -21.33
CA ASP A 263 -16.86 25.32 -21.34
C ASP A 263 -17.98 26.35 -21.17
N GLU A 264 -17.82 27.52 -21.77
CA GLU A 264 -18.69 28.66 -21.52
C GLU A 264 -20.01 28.55 -22.29
N GLU A 265 -20.12 27.54 -23.16
CA GLU A 265 -21.18 27.54 -24.16
C GLU A 265 -21.43 26.15 -24.75
N ASN A 266 -20.60 25.16 -24.40
CA ASN A 266 -20.77 23.84 -24.97
C ASN A 266 -20.64 22.78 -23.89
N VAL A 267 -21.34 21.65 -24.12
CA VAL A 267 -21.15 20.43 -23.36
C VAL A 267 -20.41 19.43 -24.24
N PHE A 268 -19.37 18.80 -23.71
CA PHE A 268 -18.66 17.75 -24.43
C PHE A 268 -18.92 16.44 -23.74
N ALA A 269 -19.57 15.51 -24.44
CA ALA A 269 -19.99 14.26 -23.84
C ALA A 269 -19.28 13.09 -24.50
N ALA A 270 -18.73 12.20 -23.66
CA ALA A 270 -18.32 10.88 -24.07
C ALA A 270 -19.54 9.97 -24.12
N VAL A 271 -19.86 9.50 -25.33
CA VAL A 271 -21.04 8.68 -25.57
C VAL A 271 -20.65 7.49 -26.43
N GLY A 272 -20.69 6.29 -25.83
CA GLY A 272 -20.12 5.10 -26.43
C GLY A 272 -18.65 5.32 -26.79
N ARG A 273 -18.29 4.96 -28.03
CA ARG A 273 -16.94 5.16 -28.54
C ARG A 273 -16.86 6.52 -29.21
N GLY A 274 -17.93 7.32 -29.10
CA GLY A 274 -18.02 8.58 -29.81
C GLY A 274 -17.91 9.78 -28.88
N LEU A 275 -17.76 10.96 -29.50
CA LEU A 275 -17.85 12.27 -28.85
C LEU A 275 -19.00 13.05 -29.47
N TYR A 276 -19.70 13.83 -28.63
CA TYR A 276 -20.75 14.72 -29.05
C TYR A 276 -20.52 16.09 -28.39
N VAL A 277 -20.80 17.15 -29.14
CA VAL A 277 -20.70 18.51 -28.65
C VAL A 277 -22.07 19.16 -28.75
N TYR A 278 -22.57 19.65 -27.62
CA TYR A 278 -23.91 20.21 -27.55
C TYR A 278 -23.80 21.67 -27.16
N SER A 279 -24.45 22.52 -27.95
CA SER A 279 -24.45 23.95 -27.71
C SER A 279 -25.54 24.30 -26.69
N LEU A 280 -25.15 24.96 -25.61
CA LEU A 280 -26.07 25.39 -24.58
C LEU A 280 -26.95 26.53 -25.12
N GLN A 281 -26.40 27.31 -26.07
CA GLN A 281 -27.11 28.44 -26.64
C GLN A 281 -28.14 27.97 -27.68
N MET A 282 -27.71 27.09 -28.60
CA MET A 282 -28.55 26.68 -29.72
C MET A 282 -29.45 25.51 -29.34
N LYS A 283 -29.21 24.91 -28.16
CA LYS A 283 -29.94 23.71 -27.71
C LYS A 283 -29.90 22.63 -28.79
N ARG A 284 -28.70 22.39 -29.34
CA ARG A 284 -28.51 21.43 -30.41
C ARG A 284 -27.11 20.81 -30.30
N VAL A 285 -26.99 19.54 -30.75
CA VAL A 285 -25.70 18.94 -31.06
C VAL A 285 -25.12 19.65 -32.29
N ILE A 286 -23.92 20.22 -32.15
CA ILE A 286 -23.29 20.96 -33.23
C ILE A 286 -22.16 20.14 -33.86
N ALA A 287 -21.47 19.30 -33.08
CA ALA A 287 -20.35 18.50 -33.60
C ALA A 287 -20.40 17.08 -33.04
N CYS A 288 -19.78 16.14 -33.77
CA CYS A 288 -20.00 14.73 -33.53
C CYS A 288 -18.85 13.92 -34.15
N GLN A 289 -18.59 12.75 -33.53
CA GLN A 289 -17.61 11.79 -34.03
C GLN A 289 -17.90 10.45 -33.36
N LYS A 290 -18.55 9.54 -34.10
CA LYS A 290 -19.35 8.48 -33.49
C LYS A 290 -18.45 7.31 -33.07
N THR A 291 -17.33 7.14 -33.78
CA THR A 291 -16.29 6.22 -33.35
C THR A 291 -14.96 6.98 -33.28
N ALA A 292 -14.73 7.61 -32.12
CA ALA A 292 -13.50 8.35 -31.88
C ALA A 292 -12.40 7.40 -31.41
N HIS A 293 -12.80 6.21 -30.92
CA HIS A 293 -11.87 5.27 -30.32
C HIS A 293 -12.35 3.85 -30.60
N ASP A 294 -11.48 2.86 -30.34
CA ASP A 294 -11.83 1.46 -30.46
C ASP A 294 -12.60 0.99 -29.23
N SER A 295 -12.58 1.81 -28.17
CA SER A 295 -13.24 1.46 -26.93
C SER A 295 -14.14 2.60 -26.50
N ASN A 296 -14.95 2.34 -25.46
CA ASN A 296 -15.74 3.38 -24.83
C ASN A 296 -14.84 4.55 -24.48
N VAL A 297 -15.28 5.75 -24.86
CA VAL A 297 -14.66 6.96 -24.39
C VAL A 297 -15.07 7.17 -22.93
N LEU A 298 -14.11 7.54 -22.10
CA LEU A 298 -14.36 7.75 -20.69
C LEU A 298 -14.47 9.24 -20.39
N HIS A 299 -13.49 10.02 -20.87
CA HIS A 299 -13.44 11.44 -20.57
C HIS A 299 -13.21 12.24 -21.84
N VAL A 300 -13.88 13.39 -21.94
CA VAL A 300 -13.72 14.28 -23.07
C VAL A 300 -13.85 15.71 -22.57
N ALA A 301 -12.88 16.56 -22.91
CA ALA A 301 -12.85 17.91 -22.36
C ALA A 301 -12.19 18.87 -23.32
N ARG A 302 -12.44 20.17 -23.10
CA ARG A 302 -11.86 21.21 -23.90
C ARG A 302 -10.75 21.87 -23.11
N LEU A 303 -9.56 21.94 -23.71
CA LEU A 303 -8.42 22.58 -23.11
C LEU A 303 -8.51 24.09 -23.32
N PRO A 304 -7.86 24.90 -22.47
CA PRO A 304 -7.76 26.35 -22.68
C PRO A 304 -7.45 26.77 -24.11
N ASN A 305 -6.54 26.03 -24.77
CA ASN A 305 -6.08 26.39 -26.11
C ASN A 305 -7.12 26.03 -27.17
N ARG A 306 -8.24 25.45 -26.75
CA ARG A 306 -9.42 25.30 -27.60
C ARG A 306 -9.39 23.93 -28.29
N GLN A 307 -8.38 23.11 -27.97
CA GLN A 307 -8.34 21.73 -28.45
C GLN A 307 -9.16 20.85 -27.52
N LEU A 308 -9.63 19.72 -28.04
CA LEU A 308 -10.31 18.71 -27.26
C LEU A 308 -9.33 17.59 -26.92
N ILE A 309 -9.52 16.98 -25.74
CA ILE A 309 -8.81 15.75 -25.37
C ILE A 309 -9.84 14.68 -25.07
N SER A 310 -9.64 13.48 -25.63
CA SER A 310 -10.49 12.35 -25.30
C SER A 310 -9.65 11.21 -24.76
N CYS A 311 -10.23 10.45 -23.82
CA CYS A 311 -9.55 9.32 -23.16
C CYS A 311 -10.44 8.09 -23.25
N SER A 312 -9.82 6.90 -23.42
CA SER A 312 -10.58 5.69 -23.73
C SER A 312 -10.26 4.57 -22.75
N GLU A 313 -11.07 3.50 -22.79
CA GLU A 313 -10.91 2.34 -21.95
C GLU A 313 -9.64 1.56 -22.32
N ASP A 314 -9.22 1.66 -23.59
CA ASP A 314 -8.15 0.83 -24.10
C ASP A 314 -6.79 1.49 -23.85
N GLY A 315 -6.78 2.79 -23.54
CA GLY A 315 -5.57 3.48 -23.10
C GLY A 315 -5.19 4.62 -24.04
N SER A 316 -5.86 4.70 -25.18
CA SER A 316 -5.54 5.73 -26.16
C SER A 316 -6.05 7.08 -25.67
N VAL A 317 -5.21 8.09 -25.88
CA VAL A 317 -5.60 9.47 -25.71
C VAL A 317 -5.47 10.18 -27.07
N ARG A 318 -6.51 10.94 -27.45
CA ARG A 318 -6.52 11.66 -28.73
C ARG A 318 -6.75 13.14 -28.47
N ILE A 319 -6.10 13.97 -29.31
CA ILE A 319 -6.30 15.41 -29.31
C ILE A 319 -7.08 15.80 -30.58
N TRP A 320 -8.04 16.73 -30.43
CA TRP A 320 -8.91 17.13 -31.54
C TRP A 320 -8.95 18.64 -31.65
N GLU A 321 -9.30 19.11 -32.86
CA GLU A 321 -9.68 20.50 -33.08
C GLU A 321 -11.08 20.51 -33.71
N LEU A 322 -11.89 21.49 -33.31
CA LEU A 322 -13.27 21.60 -33.77
C LEU A 322 -13.32 22.57 -34.96
N GLN A 327 -17.57 19.82 -37.21
CA GLN A 327 -16.65 18.71 -37.57
C GLN A 327 -15.42 18.73 -36.65
N LEU A 328 -14.95 17.52 -36.29
CA LEU A 328 -13.81 17.35 -35.38
C LEU A 328 -12.63 16.77 -36.15
N GLU A 329 -11.47 17.44 -36.06
CA GLU A 329 -10.25 16.99 -36.72
C GLU A 329 -9.31 16.32 -35.71
N LEU A 330 -9.00 15.04 -35.95
CA LEU A 330 -8.00 14.34 -35.14
C LEU A 330 -6.62 14.94 -35.41
N ILE A 331 -6.12 15.71 -34.44
CA ILE A 331 -4.78 16.29 -34.51
C ILE A 331 -3.76 15.25 -34.05
N GLY A 332 -3.93 14.77 -32.81
CA GLY A 332 -2.87 14.08 -32.09
C GLY A 332 -3.32 12.71 -31.60
N ASP A 333 -2.38 11.77 -31.60
CA ASP A 333 -2.61 10.46 -31.04
C ASP A 333 -1.54 10.21 -29.99
N LEU A 334 -1.96 10.10 -28.71
CA LEU A 334 -1.06 9.91 -27.60
C LEU A 334 -1.14 8.46 -27.13
N ILE A 335 -0.05 7.71 -27.34
CA ILE A 335 -0.06 6.26 -27.30
C ILE A 335 0.98 5.81 -26.28
N GLY A 336 0.54 5.05 -25.28
CA GLY A 336 1.43 4.72 -24.18
C GLY A 336 0.71 3.90 -23.13
N HIS A 337 -0.47 4.36 -22.73
CA HIS A 337 -1.24 3.67 -21.72
C HIS A 337 -1.77 2.38 -22.32
N SER A 338 -1.87 1.35 -21.49
CA SER A 338 -2.31 0.05 -21.93
C SER A 338 -3.65 -0.31 -21.28
N SER A 339 -4.31 0.68 -20.66
CA SER A 339 -5.57 0.42 -19.96
C SER A 339 -6.24 1.74 -19.62
N SER A 340 -7.49 1.67 -19.12
CA SER A 340 -8.36 2.83 -18.97
C SER A 340 -7.57 4.05 -18.51
N VAL A 341 -7.75 5.14 -19.23
CA VAL A 341 -7.24 6.45 -18.82
C VAL A 341 -8.33 7.15 -18.02
N GLU A 342 -8.08 7.34 -16.72
CA GLU A 342 -9.10 7.76 -15.76
C GLU A 342 -9.20 9.28 -15.70
N MET A 343 -8.13 10.00 -15.99
CA MET A 343 -8.16 11.45 -15.82
C MET A 343 -6.99 12.06 -16.56
N PHE A 344 -7.10 13.34 -16.88
CA PHE A 344 -6.02 14.09 -17.46
C PHE A 344 -5.91 15.38 -16.70
N LEU A 345 -4.74 16.03 -16.78
CA LEU A 345 -4.54 17.36 -16.26
C LEU A 345 -3.65 18.13 -17.22
N TYR A 346 -3.98 19.39 -17.45
CA TYR A 346 -3.30 20.20 -18.43
C TYR A 346 -2.61 21.37 -17.75
N PHE A 347 -1.28 21.48 -17.96
CA PHE A 347 -0.51 22.66 -17.59
C PHE A 347 -0.08 23.40 -18.85
N GLU A 348 -0.33 24.71 -18.88
CA GLU A 348 -0.01 25.54 -20.04
C GLU A 348 1.47 25.42 -20.36
N ASP A 349 2.30 25.42 -19.31
CA ASP A 349 3.75 25.59 -19.43
C ASP A 349 4.49 24.25 -19.29
N HIS A 350 3.79 23.17 -18.88
CA HIS A 350 4.46 21.93 -18.53
C HIS A 350 3.85 20.73 -19.23
N GLY A 351 2.86 20.97 -20.09
CA GLY A 351 2.30 19.91 -20.92
C GLY A 351 1.16 19.17 -20.24
N LEU A 352 1.03 17.88 -20.54
CA LEU A 352 -0.20 17.15 -20.30
C LEU A 352 0.11 15.95 -19.44
N VAL A 353 -0.72 15.73 -18.41
CA VAL A 353 -0.60 14.58 -17.53
C VAL A 353 -1.78 13.65 -17.79
N THR A 354 -1.51 12.34 -17.84
CA THR A 354 -2.57 11.34 -17.87
C THR A 354 -2.28 10.29 -16.81
N CYS A 355 -3.35 9.69 -16.28
CA CYS A 355 -3.26 8.61 -15.32
C CYS A 355 -4.21 7.50 -15.74
N SER A 356 -3.90 6.27 -15.31
CA SER A 356 -4.47 5.09 -15.93
C SER A 356 -4.65 3.95 -14.91
N ALA A 357 -5.54 3.02 -15.28
CA ALA A 357 -5.75 1.77 -14.57
C ALA A 357 -4.57 0.82 -14.77
N ASP A 358 -3.58 1.22 -15.57
CA ASP A 358 -2.38 0.44 -15.77
C ASP A 358 -1.29 0.87 -14.78
N HIS A 359 -1.67 1.71 -13.78
CA HIS A 359 -0.80 2.05 -12.66
C HIS A 359 0.18 3.16 -13.04
N LEU A 360 0.14 3.63 -14.29
CA LEU A 360 1.10 4.64 -14.75
C LEU A 360 0.49 6.03 -14.71
N ILE A 361 1.36 7.01 -14.52
CA ILE A 361 1.11 8.37 -14.94
C ILE A 361 2.08 8.67 -16.06
N ILE A 362 1.55 9.29 -17.13
CA ILE A 362 2.39 9.72 -18.23
C ILE A 362 2.29 11.22 -18.36
N LEU A 363 3.44 11.85 -18.49
CA LEU A 363 3.55 13.28 -18.65
C LEU A 363 4.02 13.58 -20.08
N TRP A 364 3.15 14.25 -20.87
CA TRP A 364 3.39 14.46 -22.29
C TRP A 364 3.77 15.91 -22.55
N LYS A 365 4.86 16.11 -23.34
CA LYS A 365 5.46 17.43 -23.50
C LYS A 365 5.78 17.70 -24.97
N ASN A 366 6.04 18.98 -25.28
CA ASN A 366 6.48 19.43 -26.59
C ASN A 366 5.45 19.01 -27.64
N ASN B 2 11.62 -29.41 33.91
CA ASN B 2 11.22 -29.42 32.47
C ASN B 2 9.99 -30.29 32.29
N PRO B 3 9.11 -29.98 31.32
CA PRO B 3 7.93 -30.81 31.04
C PRO B 3 8.19 -31.97 30.08
N TYR B 4 9.42 -32.03 29.54
CA TYR B 4 9.82 -33.13 28.67
C TYR B 4 9.89 -34.41 29.49
N THR B 5 9.40 -35.52 28.91
CA THR B 5 9.55 -36.83 29.50
C THR B 5 10.34 -37.73 28.54
N GLU B 6 10.21 -37.48 27.24
CA GLU B 6 10.94 -38.23 26.23
C GLU B 6 11.75 -37.24 25.36
N LEU B 7 12.97 -37.63 25.03
CA LEU B 7 13.74 -36.98 23.98
C LEU B 7 13.99 -38.02 22.90
N LEU B 8 13.82 -37.62 21.63
CA LEU B 8 14.40 -38.36 20.53
C LEU B 8 15.55 -37.54 19.97
N VAL B 9 16.65 -38.23 19.64
CA VAL B 9 17.86 -37.60 19.15
C VAL B 9 18.03 -37.98 17.69
N LEU B 10 17.87 -37.00 16.81
CA LEU B 10 17.89 -37.23 15.37
C LEU B 10 19.26 -36.85 14.82
N LYS B 11 19.86 -37.76 14.06
CA LYS B 11 21.25 -37.63 13.64
C LYS B 11 21.32 -37.82 12.14
N ALA B 12 22.05 -36.93 11.47
CA ALA B 12 22.09 -36.89 10.01
C ALA B 12 23.15 -35.88 9.57
N HIS B 13 23.13 -34.69 10.18
CA HIS B 13 24.05 -33.63 9.83
C HIS B 13 25.43 -33.95 10.39
N HIS B 14 26.47 -33.51 9.65
CA HIS B 14 27.85 -33.70 10.05
C HIS B 14 28.49 -32.36 10.38
N ASP B 15 27.63 -31.37 10.66
CA ASP B 15 28.09 -30.03 10.98
C ASP B 15 26.94 -29.27 11.65
N ILE B 16 27.19 -28.00 12.02
CA ILE B 16 26.21 -27.20 12.76
C ILE B 16 24.86 -27.28 12.05
N VAL B 17 23.79 -27.48 12.83
CA VAL B 17 22.44 -27.48 12.30
C VAL B 17 21.82 -26.13 12.65
N ARG B 18 21.43 -25.38 11.61
CA ARG B 18 21.22 -23.95 11.73
C ARG B 18 19.73 -23.62 11.60
N PHE B 19 19.01 -24.34 10.73
CA PHE B 19 17.67 -23.95 10.38
C PHE B 19 16.70 -25.11 10.59
N LEU B 20 15.50 -24.77 11.07
CA LEU B 20 14.35 -25.67 11.06
C LEU B 20 13.16 -24.93 10.46
N VAL B 21 12.47 -25.60 9.52
CA VAL B 21 11.25 -25.07 8.91
C VAL B 21 10.16 -26.13 8.99
N GLN B 22 9.03 -25.75 9.59
CA GLN B 22 7.85 -26.59 9.55
C GLN B 22 7.32 -26.64 8.13
N LEU B 23 6.99 -27.85 7.66
CA LEU B 23 6.44 -28.05 6.32
C LEU B 23 4.93 -28.18 6.41
N ASP B 24 4.45 -28.99 7.37
CA ASP B 24 3.03 -29.27 7.50
C ASP B 24 2.73 -29.56 8.97
N ASP B 25 1.70 -30.37 9.23
CA ASP B 25 1.21 -30.60 10.57
C ASP B 25 2.12 -31.61 11.30
N TYR B 26 2.86 -32.44 10.52
CA TYR B 26 3.64 -33.52 11.10
C TYR B 26 5.10 -33.52 10.61
N ARG B 27 5.46 -32.67 9.63
CA ARG B 27 6.80 -32.72 9.03
C ARG B 27 7.54 -31.40 9.27
N PHE B 28 8.88 -31.48 9.25
CA PHE B 28 9.72 -30.30 9.27
C PHE B 28 11.04 -30.65 8.58
N ALA B 29 11.81 -29.62 8.22
CA ALA B 29 13.04 -29.82 7.51
C ALA B 29 14.17 -29.13 8.26
N SER B 30 15.37 -29.65 8.10
CA SER B 30 16.51 -29.14 8.81
C SER B 30 17.60 -28.86 7.79
N ALA B 31 18.48 -27.91 8.12
CA ALA B 31 19.52 -27.53 7.21
C ALA B 31 20.69 -26.98 7.99
N GLY B 32 21.89 -27.31 7.56
CA GLY B 32 23.08 -27.02 8.34
C GLY B 32 24.26 -26.68 7.45
N ASP B 33 25.39 -26.37 8.08
CA ASP B 33 26.57 -25.89 7.40
C ASP B 33 27.22 -27.03 6.60
N ASP B 34 26.63 -28.23 6.67
CA ASP B 34 27.13 -29.35 5.88
C ASP B 34 26.54 -29.30 4.48
N GLY B 35 25.56 -28.40 4.28
CA GLY B 35 25.01 -28.14 2.96
C GLY B 35 23.88 -29.10 2.63
N ILE B 36 23.38 -29.81 3.65
CA ILE B 36 22.39 -30.87 3.46
C ILE B 36 21.05 -30.39 4.00
N VAL B 37 19.97 -30.87 3.39
CA VAL B 37 18.63 -30.64 3.90
C VAL B 37 18.02 -31.98 4.24
N VAL B 38 17.33 -32.06 5.38
CA VAL B 38 16.78 -33.32 5.84
C VAL B 38 15.35 -33.06 6.30
N VAL B 39 14.43 -33.88 5.80
CA VAL B 39 13.05 -33.82 6.19
C VAL B 39 12.80 -34.89 7.23
N TRP B 40 12.06 -34.53 8.28
CA TRP B 40 11.89 -35.40 9.43
C TRP B 40 10.41 -35.59 9.71
N ASN B 41 10.10 -36.65 10.45
CA ASN B 41 8.78 -36.83 11.04
C ASN B 41 8.79 -36.29 12.46
N ALA B 42 7.91 -35.33 12.75
CA ALA B 42 7.87 -34.67 14.05
C ALA B 42 7.28 -35.61 15.10
N GLN B 43 6.39 -36.52 14.68
CA GLN B 43 5.74 -37.43 15.61
C GLN B 43 6.70 -38.54 15.99
N THR B 44 7.21 -39.26 14.98
CA THR B 44 7.95 -40.49 15.19
C THR B 44 9.43 -40.17 15.39
N GLY B 45 9.96 -39.22 14.58
CA GLY B 45 11.38 -38.89 14.61
C GLY B 45 12.14 -39.59 13.48
N GLU B 46 11.40 -40.14 12.50
CA GLU B 46 11.97 -40.82 11.35
C GLU B 46 12.61 -39.82 10.37
N LYS B 47 13.61 -40.30 9.63
CA LYS B 47 14.30 -39.54 8.62
C LYS B 47 13.67 -39.84 7.25
N LEU B 48 12.85 -38.91 6.76
CA LEU B 48 11.98 -39.16 5.62
C LEU B 48 12.76 -39.01 4.30
N LEU B 49 13.65 -38.01 4.22
CA LEU B 49 14.35 -37.73 2.98
C LEU B 49 15.61 -36.90 3.25
N GLU B 50 16.63 -37.12 2.41
CA GLU B 50 17.86 -36.34 2.44
C GLU B 50 18.04 -35.65 1.08
N LEU B 51 18.00 -34.31 1.09
CA LEU B 51 18.14 -33.51 -0.12
C LEU B 51 19.57 -33.01 -0.22
N ASN B 52 20.25 -33.39 -1.30
CA ASN B 52 21.69 -33.23 -1.40
C ASN B 52 22.00 -32.48 -2.70
N GLY B 53 22.67 -31.33 -2.57
CA GLY B 53 22.79 -30.37 -3.67
C GLY B 53 23.90 -29.35 -3.44
N HIS B 54 23.99 -28.79 -2.23
CA HIS B 54 24.87 -27.67 -1.99
C HIS B 54 26.27 -28.17 -1.65
N THR B 55 27.26 -27.34 -1.95
CA THR B 55 28.66 -27.68 -1.77
C THR B 55 29.24 -26.79 -0.67
N GLN B 56 28.35 -26.15 0.11
CA GLN B 56 28.75 -25.19 1.12
C GLN B 56 27.57 -24.94 2.05
N LYS B 57 27.84 -24.23 3.16
CA LYS B 57 26.83 -24.05 4.19
C LYS B 57 25.58 -23.42 3.57
N ILE B 58 24.43 -23.84 4.06
CA ILE B 58 23.17 -23.23 3.69
C ILE B 58 23.04 -21.93 4.48
N THR B 59 22.52 -20.88 3.80
CA THR B 59 22.41 -19.56 4.40
C THR B 59 20.95 -19.22 4.68
N ALA B 60 20.02 -19.95 4.04
CA ALA B 60 18.61 -19.66 4.23
C ALA B 60 17.76 -20.76 3.60
N ILE B 61 16.54 -20.90 4.12
CA ILE B 61 15.63 -21.90 3.65
C ILE B 61 14.21 -21.44 3.94
N ILE B 62 13.29 -21.67 2.99
CA ILE B 62 11.90 -21.27 3.15
C ILE B 62 11.01 -22.27 2.46
N THR B 63 9.71 -22.25 2.80
CA THR B 63 8.70 -22.93 2.02
C THR B 63 7.96 -21.91 1.18
N PHE B 64 7.41 -22.37 0.06
CA PHE B 64 6.57 -21.56 -0.81
C PHE B 64 5.31 -22.36 -1.13
N PRO B 65 4.14 -21.96 -0.56
CA PRO B 65 2.89 -22.70 -0.76
C PRO B 65 2.21 -22.39 -2.09
N ASN B 74 0.96 -27.69 -4.76
CA ASN B 74 2.31 -28.29 -4.47
C ASN B 74 3.17 -27.24 -3.78
N GLN B 75 3.71 -27.60 -2.61
CA GLN B 75 4.49 -26.68 -1.80
C GLN B 75 5.99 -26.86 -2.13
N LEU B 76 6.72 -25.75 -2.13
CA LEU B 76 8.12 -25.76 -2.54
C LEU B 76 8.99 -25.46 -1.32
N ILE B 77 10.17 -26.10 -1.28
CA ILE B 77 11.23 -25.71 -0.36
C ILE B 77 12.30 -25.01 -1.17
N LEU B 78 12.83 -23.91 -0.64
CA LEU B 78 13.93 -23.23 -1.31
C LEU B 78 15.07 -23.04 -0.33
N THR B 79 16.30 -23.22 -0.83
CA THR B 79 17.51 -23.14 -0.04
C THR B 79 18.54 -22.29 -0.77
N ALA B 80 19.23 -21.42 -0.04
CA ALA B 80 20.36 -20.69 -0.58
C ALA B 80 21.62 -21.12 0.15
N SER B 81 22.77 -20.96 -0.50
CA SER B 81 24.01 -21.50 0.03
C SER B 81 25.16 -20.55 -0.25
N ALA B 82 26.22 -20.64 0.58
CA ALA B 82 27.46 -19.91 0.32
C ALA B 82 28.09 -20.35 -1.01
N ASP B 83 27.49 -21.39 -1.64
CA ASP B 83 27.94 -21.83 -2.95
C ASP B 83 27.38 -20.90 -4.03
N ARG B 84 26.66 -19.84 -3.61
CA ARG B 84 26.14 -18.82 -4.51
C ARG B 84 25.11 -19.44 -5.44
N THR B 85 24.30 -20.39 -4.91
CA THR B 85 23.18 -20.95 -5.65
C THR B 85 21.94 -20.94 -4.78
N VAL B 86 20.78 -21.03 -5.44
CA VAL B 86 19.55 -21.37 -4.79
C VAL B 86 19.02 -22.64 -5.44
N ILE B 87 18.62 -23.61 -4.63
CA ILE B 87 18.05 -24.83 -5.13
C ILE B 87 16.60 -24.88 -4.71
N VAL B 88 15.74 -25.30 -5.64
CA VAL B 88 14.32 -25.49 -5.38
C VAL B 88 14.05 -26.99 -5.27
N TRP B 89 13.31 -27.39 -4.22
CA TRP B 89 12.85 -28.77 -4.05
C TRP B 89 11.33 -28.79 -3.87
N ASP B 90 10.73 -29.99 -4.06
CA ASP B 90 9.31 -30.21 -3.82
C ASP B 90 9.13 -31.46 -2.97
N GLY B 91 8.91 -31.25 -1.65
CA GLY B 91 8.76 -32.30 -0.65
C GLY B 91 9.05 -33.70 -1.21
N ASP B 92 7.97 -34.47 -1.45
CA ASP B 92 8.05 -35.91 -1.68
C ASP B 92 9.32 -36.27 -2.46
N THR B 93 9.38 -35.86 -3.73
CA THR B 93 10.28 -36.45 -4.72
C THR B 93 11.65 -36.76 -4.12
N THR B 94 12.16 -35.84 -3.28
CA THR B 94 13.58 -35.82 -2.92
C THR B 94 14.42 -35.60 -4.17
N ARG B 95 13.85 -34.84 -5.13
CA ARG B 95 14.45 -34.65 -6.44
C ARG B 95 14.52 -33.14 -6.75
N GLN B 96 15.66 -32.71 -7.31
CA GLN B 96 15.98 -31.31 -7.51
C GLN B 96 15.12 -30.73 -8.64
N VAL B 97 14.19 -29.81 -8.29
CA VAL B 97 13.29 -29.20 -9.26
C VAL B 97 14.07 -28.25 -10.16
N GLN B 98 15.01 -27.49 -9.58
CA GLN B 98 15.94 -26.68 -10.36
C GLN B 98 17.02 -26.08 -9.47
N ARG B 99 18.16 -25.77 -10.09
CA ARG B 99 19.25 -25.10 -9.42
C ARG B 99 19.49 -23.75 -10.09
N ILE B 100 19.25 -22.66 -9.37
CA ILE B 100 19.54 -21.35 -9.89
C ILE B 100 20.98 -21.00 -9.56
N SER B 101 21.80 -20.91 -10.63
CA SER B 101 23.26 -20.76 -10.50
C SER B 101 23.68 -19.30 -10.68
N CYS B 102 22.77 -18.45 -11.18
CA CYS B 102 23.12 -17.17 -11.79
C CYS B 102 23.18 -16.04 -10.77
N PHE B 103 23.94 -16.23 -9.66
CA PHE B 103 24.03 -15.20 -8.63
C PHE B 103 25.44 -14.62 -8.61
N GLN B 104 25.52 -13.27 -8.61
CA GLN B 104 26.78 -12.56 -8.52
C GLN B 104 27.37 -12.71 -7.11
N SER B 105 26.49 -12.83 -6.09
CA SER B 105 26.94 -12.99 -4.70
C SER B 105 26.06 -13.99 -3.96
N THR B 106 26.42 -14.27 -2.69
CA THR B 106 25.70 -15.23 -1.87
C THR B 106 24.37 -14.63 -1.45
N VAL B 107 23.30 -15.40 -1.66
CA VAL B 107 21.99 -15.04 -1.18
C VAL B 107 21.91 -15.37 0.31
N LYS B 108 21.56 -14.35 1.12
CA LYS B 108 21.52 -14.44 2.58
C LYS B 108 20.08 -14.52 3.08
N CYS B 109 19.11 -14.09 2.25
CA CYS B 109 17.71 -14.09 2.66
C CYS B 109 16.83 -14.56 1.53
N LEU B 110 15.81 -15.31 1.91
CA LEU B 110 14.73 -15.70 1.03
C LEU B 110 13.43 -15.32 1.72
N THR B 111 12.53 -14.61 0.99
CA THR B 111 11.23 -14.27 1.56
C THR B 111 10.13 -14.43 0.50
N VAL B 112 8.94 -14.82 0.97
CA VAL B 112 7.76 -14.99 0.15
C VAL B 112 6.79 -13.85 0.41
N LEU B 113 6.37 -13.15 -0.68
CA LEU B 113 5.23 -12.25 -0.66
C LEU B 113 3.99 -12.99 -1.15
N GLN B 114 3.23 -13.53 -0.18
CA GLN B 114 2.13 -14.45 -0.46
C GLN B 114 1.10 -13.77 -1.36
N ARG B 115 0.72 -12.55 -1.01
CA ARG B 115 -0.40 -11.87 -1.64
C ARG B 115 -0.12 -11.69 -3.14
N LEU B 116 1.17 -11.64 -3.50
CA LEU B 116 1.57 -11.44 -4.89
C LEU B 116 1.98 -12.77 -5.53
N ASP B 117 2.36 -13.77 -4.70
CA ASP B 117 2.73 -15.08 -5.20
C ASP B 117 4.12 -15.02 -5.86
N VAL B 118 5.02 -14.26 -5.26
CA VAL B 118 6.39 -14.20 -5.68
C VAL B 118 7.23 -14.50 -4.48
N TRP B 119 8.51 -14.82 -4.73
CA TRP B 119 9.51 -14.90 -3.68
C TRP B 119 10.70 -14.03 -4.04
N LEU B 120 11.48 -13.67 -3.01
CA LEU B 120 12.57 -12.73 -3.14
C LEU B 120 13.85 -13.40 -2.71
N SER B 121 14.93 -13.10 -3.42
CA SER B 121 16.26 -13.44 -2.97
C SER B 121 17.00 -12.15 -2.59
N GLY B 122 17.75 -12.22 -1.49
CA GLY B 122 18.48 -11.07 -0.99
C GLY B 122 19.95 -11.40 -0.78
N GLY B 123 20.79 -10.90 -1.69
CA GLY B 123 22.23 -10.88 -1.49
C GLY B 123 22.76 -9.45 -1.50
N ASN B 124 23.68 -9.17 -2.43
CA ASN B 124 24.13 -7.82 -2.69
C ASN B 124 23.05 -7.04 -3.42
N ASP B 125 22.15 -7.76 -4.09
CA ASP B 125 21.01 -7.16 -4.72
C ASP B 125 19.77 -7.98 -4.40
N LEU B 126 18.61 -7.41 -4.72
CA LEU B 126 17.35 -8.00 -4.37
C LEU B 126 16.64 -8.38 -5.66
N CYS B 127 16.30 -9.67 -5.81
CA CYS B 127 15.67 -10.19 -7.01
C CYS B 127 14.30 -10.74 -6.69
N VAL B 128 13.39 -10.61 -7.64
CA VAL B 128 12.01 -11.02 -7.47
C VAL B 128 11.72 -12.16 -8.44
N TRP B 129 11.17 -13.25 -7.92
CA TRP B 129 10.98 -14.46 -8.71
C TRP B 129 9.55 -14.96 -8.57
N ASN B 130 9.11 -15.74 -9.56
CA ASN B 130 7.80 -16.38 -9.50
C ASN B 130 8.00 -17.87 -9.25
N ARG B 131 6.90 -18.63 -9.20
CA ARG B 131 6.94 -20.06 -8.96
C ARG B 131 7.69 -20.77 -10.08
N LYS B 132 7.50 -20.29 -11.33
CA LYS B 132 8.13 -20.92 -12.49
C LYS B 132 9.63 -20.61 -12.50
N LEU B 133 10.07 -19.75 -11.57
CA LEU B 133 11.48 -19.45 -11.36
C LEU B 133 11.98 -18.54 -12.48
N ASP B 134 11.08 -17.72 -12.99
CA ASP B 134 11.48 -16.59 -13.83
C ASP B 134 11.92 -15.44 -12.93
N LEU B 135 13.02 -14.79 -13.31
CA LEU B 135 13.38 -13.49 -12.76
C LEU B 135 12.44 -12.43 -13.32
N LEU B 136 11.75 -11.69 -12.43
CA LEU B 136 10.73 -10.72 -12.82
C LEU B 136 11.31 -9.32 -12.85
N CYS B 137 12.10 -8.99 -11.83
CA CYS B 137 12.81 -7.72 -11.79
C CYS B 137 13.87 -7.79 -10.71
N LYS B 138 14.72 -6.79 -10.61
CA LYS B 138 15.68 -6.77 -9.54
C LYS B 138 16.24 -5.38 -9.33
N THR B 139 16.84 -5.16 -8.17
CA THR B 139 17.58 -3.95 -7.92
C THR B 139 18.97 -4.10 -8.52
N SER B 140 19.65 -2.96 -8.65
CA SER B 140 21.09 -2.89 -8.79
C SER B 140 21.75 -3.13 -7.44
N HIS B 141 23.06 -2.86 -7.38
CA HIS B 141 23.89 -3.24 -6.26
C HIS B 141 23.55 -2.36 -5.06
N LEU B 142 23.21 -3.00 -3.91
CA LEU B 142 22.77 -2.28 -2.73
C LEU B 142 23.92 -2.19 -1.74
N SER B 143 24.66 -3.30 -1.57
CA SER B 143 25.71 -3.37 -0.57
C SER B 143 26.73 -4.42 -0.95
N ASP B 144 27.92 -4.30 -0.37
CA ASP B 144 28.96 -5.30 -0.47
C ASP B 144 28.70 -6.41 0.56
N THR B 145 28.15 -6.04 1.72
CA THR B 145 28.03 -6.95 2.86
C THR B 145 26.85 -7.91 2.64
N GLY B 146 25.76 -7.40 2.04
CA GLY B 146 24.61 -8.23 1.70
C GLY B 146 23.39 -7.87 2.53
N ILE B 147 22.21 -8.13 1.96
CA ILE B 147 20.96 -7.95 2.69
C ILE B 147 20.94 -8.95 3.86
N SER B 148 20.75 -8.44 5.09
CA SER B 148 20.86 -9.26 6.29
C SER B 148 19.49 -9.73 6.76
N ALA B 149 18.44 -8.95 6.43
CA ALA B 149 17.07 -9.35 6.69
C ALA B 149 16.15 -8.75 5.64
N LEU B 150 15.02 -9.43 5.39
CA LEU B 150 14.11 -9.06 4.33
C LEU B 150 12.69 -9.45 4.76
N VAL B 151 11.88 -8.42 5.09
CA VAL B 151 10.63 -8.63 5.78
C VAL B 151 9.49 -7.93 5.04
N GLU B 152 8.40 -8.67 4.86
CA GLU B 152 7.21 -8.17 4.21
C GLU B 152 6.40 -7.32 5.20
N ILE B 153 5.94 -6.16 4.72
CA ILE B 153 5.05 -5.27 5.48
C ILE B 153 3.83 -5.03 4.61
N PRO B 154 2.79 -4.30 5.06
CA PRO B 154 1.60 -4.11 4.22
C PRO B 154 1.84 -3.34 2.92
N ALA B 155 0.95 -3.55 1.95
CA ALA B 155 0.80 -2.69 0.78
C ALA B 155 1.91 -2.98 -0.22
N ASN B 156 2.30 -4.28 -0.28
CA ASN B 156 3.20 -4.83 -1.29
C ASN B 156 4.59 -4.26 -1.14
N CYS B 157 4.93 -3.87 0.09
CA CYS B 157 6.24 -3.37 0.39
C CYS B 157 7.02 -4.41 1.17
N VAL B 158 8.33 -4.30 1.09
CA VAL B 158 9.24 -5.17 1.82
C VAL B 158 10.35 -4.28 2.33
N VAL B 159 10.84 -4.61 3.52
CA VAL B 159 11.94 -3.87 4.14
C VAL B 159 13.18 -4.72 4.10
N ALA B 160 14.29 -4.07 3.70
CA ALA B 160 15.60 -4.71 3.58
C ALA B 160 16.56 -4.02 4.54
N ALA B 161 17.10 -4.80 5.47
CA ALA B 161 18.19 -4.36 6.31
C ALA B 161 19.48 -4.56 5.54
N VAL B 162 20.20 -3.44 5.34
CA VAL B 162 21.48 -3.42 4.65
C VAL B 162 22.47 -2.63 5.52
N GLY B 163 23.22 -3.35 6.34
CA GLY B 163 24.13 -2.74 7.29
C GLY B 163 23.38 -1.93 8.35
N LYS B 164 23.57 -0.62 8.31
CA LYS B 164 22.96 0.32 9.24
C LYS B 164 21.62 0.82 8.69
N GLU B 165 21.29 0.39 7.47
CA GLU B 165 20.28 1.07 6.70
C GLU B 165 19.06 0.17 6.53
N LEU B 166 17.91 0.81 6.51
CA LEU B 166 16.68 0.19 6.08
C LEU B 166 16.24 0.81 4.77
N ILE B 167 16.00 -0.05 3.79
CA ILE B 167 15.49 0.37 2.50
C ILE B 167 14.15 -0.27 2.31
N ILE B 168 13.18 0.51 1.87
CA ILE B 168 11.85 -0.01 1.63
C ILE B 168 11.57 0.00 0.15
N PHE B 169 11.01 -1.11 -0.33
CA PHE B 169 10.69 -1.29 -1.73
C PHE B 169 9.21 -1.57 -1.89
N ARG B 170 8.64 -1.10 -2.99
CA ARG B 170 7.30 -1.48 -3.38
C ARG B 170 7.39 -2.29 -4.66
N LEU B 171 6.65 -3.41 -4.70
CA LEU B 171 6.53 -4.25 -5.87
C LEU B 171 5.26 -3.90 -6.61
N VAL B 172 5.40 -3.67 -7.93
CA VAL B 172 4.29 -3.35 -8.80
C VAL B 172 4.14 -4.48 -9.81
N ALA B 173 3.03 -5.18 -9.71
CA ALA B 173 2.68 -6.21 -10.65
C ALA B 173 2.20 -5.56 -11.94
N PRO B 174 2.51 -6.16 -13.11
CA PRO B 174 1.99 -5.67 -14.38
C PRO B 174 0.50 -5.90 -14.41
N THR B 175 -0.17 -5.22 -15.33
CA THR B 175 -1.61 -5.37 -15.51
C THR B 175 -1.86 -5.92 -16.91
N GLU B 176 -3.10 -6.40 -17.13
CA GLU B 176 -3.50 -6.94 -18.43
C GLU B 176 -3.32 -5.86 -19.50
N GLY B 177 -2.12 -5.85 -20.11
CA GLY B 177 -1.71 -4.77 -20.98
C GLY B 177 -0.19 -4.62 -21.00
N SER B 178 0.43 -4.62 -19.81
CA SER B 178 1.88 -4.61 -19.67
C SER B 178 2.36 -5.99 -19.19
N LEU B 179 3.69 -6.21 -19.19
CA LEU B 179 4.25 -7.46 -18.68
C LEU B 179 5.55 -7.20 -17.89
N ALA B 180 5.86 -5.92 -17.57
CA ALA B 180 7.11 -5.62 -16.85
C ALA B 180 6.86 -5.32 -15.36
N TRP B 181 7.12 -6.30 -14.49
CA TRP B 181 7.19 -6.06 -13.04
C TRP B 181 8.17 -4.93 -12.76
N ALA B 182 7.97 -4.25 -11.63
CA ALA B 182 8.97 -3.30 -11.14
C ALA B 182 9.11 -3.41 -9.64
N ILE B 183 10.32 -3.14 -9.16
CA ILE B 183 10.58 -3.01 -7.76
C ILE B 183 11.21 -1.64 -7.52
N LEU B 184 10.49 -0.81 -6.75
CA LEU B 184 10.80 0.60 -6.60
C LEU B 184 11.28 0.84 -5.17
N GLU B 185 12.46 1.46 -5.04
CA GLU B 185 12.89 1.98 -3.76
C GLU B 185 12.00 3.16 -3.39
N VAL B 186 11.30 3.07 -2.25
CA VAL B 186 10.34 4.12 -1.91
C VAL B 186 10.81 4.87 -0.67
N LYS B 187 11.76 4.33 0.08
CA LYS B 187 12.14 4.99 1.31
C LYS B 187 13.42 4.40 1.84
N ARG B 188 14.23 5.27 2.42
CA ARG B 188 15.47 4.87 3.05
C ARG B 188 15.46 5.41 4.48
N LEU B 189 15.73 4.52 5.46
CA LEU B 189 15.72 4.90 6.87
C LEU B 189 17.13 4.74 7.43
N LEU B 190 17.65 5.80 8.08
CA LEU B 190 19.09 5.91 8.34
C LEU B 190 19.37 6.23 9.81
N ASP B 191 18.47 5.86 10.71
CA ASP B 191 18.56 6.28 12.11
C ASP B 191 19.47 5.35 12.92
N HIS B 192 19.80 4.19 12.36
CA HIS B 192 20.65 3.25 13.06
C HIS B 192 22.10 3.67 12.95
N GLN B 193 22.81 3.62 14.09
CA GLN B 193 24.21 4.00 14.17
C GLN B 193 25.10 2.76 14.12
N ASP B 194 24.51 1.59 14.43
CA ASP B 194 25.21 0.32 14.31
C ASP B 194 24.46 -0.55 13.30
N ASN B 195 25.08 -1.67 12.90
CA ASN B 195 24.46 -2.58 11.95
C ASN B 195 23.17 -3.13 12.55
N ILE B 196 22.18 -3.30 11.68
CA ILE B 196 20.90 -3.80 12.09
C ILE B 196 20.99 -5.31 12.33
N LEU B 197 20.62 -5.72 13.55
CA LEU B 197 20.76 -7.10 13.99
C LEU B 197 19.46 -7.86 13.72
N SER B 198 18.32 -7.20 13.99
CA SER B 198 17.02 -7.83 13.94
C SER B 198 16.05 -6.91 13.21
N LEU B 199 15.10 -7.51 12.47
CA LEU B 199 14.03 -6.77 11.85
C LEU B 199 12.76 -7.64 11.83
N ILE B 200 11.71 -7.16 12.50
CA ILE B 200 10.54 -7.98 12.79
C ILE B 200 9.29 -7.18 12.46
N ASN B 201 8.36 -7.81 11.74
CA ASN B 201 7.03 -7.27 11.56
C ASN B 201 6.17 -7.68 12.73
N VAL B 202 5.63 -6.67 13.43
CA VAL B 202 4.71 -6.84 14.55
C VAL B 202 3.30 -6.44 14.10
N ASN B 203 2.47 -7.43 13.77
CA ASN B 203 1.03 -7.23 13.79
C ASN B 203 0.56 -6.47 12.55
N ASP B 204 1.49 -6.26 11.58
CA ASP B 204 1.19 -5.48 10.39
C ASP B 204 0.80 -4.05 10.74
N LEU B 205 1.24 -3.57 11.91
CA LEU B 205 0.99 -2.21 12.32
C LEU B 205 2.32 -1.51 12.52
N SER B 206 3.33 -2.25 12.93
CA SER B 206 4.62 -1.68 13.11
C SER B 206 5.69 -2.71 12.78
N PHE B 207 6.90 -2.23 12.56
CA PHE B 207 8.04 -3.11 12.50
C PHE B 207 9.12 -2.55 13.43
N VAL B 208 9.94 -3.45 13.93
CA VAL B 208 10.89 -3.14 14.98
C VAL B 208 12.27 -3.52 14.48
N THR B 209 13.28 -2.67 14.73
CA THR B 209 14.66 -3.02 14.40
C THR B 209 15.55 -2.81 15.62
N GLY B 210 16.61 -3.62 15.68
CA GLY B 210 17.61 -3.49 16.75
C GLY B 210 19.01 -3.69 16.20
N SER B 211 19.99 -3.17 16.96
CA SER B 211 21.38 -3.23 16.58
C SER B 211 22.18 -3.83 17.73
N HIS B 212 23.47 -4.13 17.46
CA HIS B 212 24.36 -4.76 18.42
C HIS B 212 24.48 -3.90 19.68
N VAL B 213 24.57 -2.57 19.49
CA VAL B 213 24.83 -1.65 20.60
C VAL B 213 23.53 -1.35 21.37
N GLY B 214 22.44 -2.01 20.99
CA GLY B 214 21.25 -2.04 21.82
C GLY B 214 20.30 -0.89 21.49
N GLU B 215 20.42 -0.37 20.27
CA GLU B 215 19.39 0.52 19.73
C GLU B 215 18.14 -0.30 19.43
N LEU B 216 16.98 0.28 19.75
CA LEU B 216 15.69 -0.32 19.44
C LEU B 216 14.79 0.75 18.84
N ILE B 217 14.22 0.47 17.65
CA ILE B 217 13.39 1.45 16.94
C ILE B 217 12.10 0.78 16.50
N ILE B 218 10.99 1.46 16.77
CA ILE B 218 9.68 1.03 16.30
C ILE B 218 9.23 1.97 15.17
N TRP B 219 8.89 1.38 14.03
CA TRP B 219 8.45 2.15 12.87
C TRP B 219 7.01 1.82 12.55
N ASP B 220 6.31 2.80 11.96
CA ASP B 220 4.98 2.61 11.44
C ASP B 220 5.04 1.79 10.14
N ALA B 221 4.25 0.74 10.07
CA ALA B 221 4.36 -0.21 8.97
C ALA B 221 3.75 0.38 7.70
N LEU B 222 2.93 1.44 7.86
CA LEU B 222 2.09 1.93 6.77
C LEU B 222 2.67 3.21 6.18
N ASP B 223 3.34 4.05 7.00
CA ASP B 223 3.95 5.27 6.48
C ASP B 223 5.42 5.33 6.85
N TRP B 224 5.93 4.29 7.51
CA TRP B 224 7.37 4.10 7.66
C TRP B 224 7.99 5.21 8.50
N THR B 225 7.21 5.87 9.36
CA THR B 225 7.74 6.89 10.25
C THR B 225 8.11 6.27 11.58
N MET B 226 9.06 6.92 12.27
CA MET B 226 9.58 6.47 13.54
C MET B 226 8.55 6.74 14.63
N GLN B 227 8.14 5.68 15.35
CA GLN B 227 7.16 5.78 16.40
C GLN B 227 7.86 5.92 17.76
N ALA B 228 8.90 5.11 17.99
CA ALA B 228 9.64 5.16 19.24
C ALA B 228 11.11 4.82 18.97
N TYR B 229 11.98 5.25 19.90
CA TYR B 229 13.41 5.11 19.74
C TYR B 229 14.06 4.96 21.11
N GLU B 230 14.92 3.96 21.25
CA GLU B 230 15.74 3.77 22.43
C GLU B 230 17.18 3.59 21.99
N ARG B 231 18.05 4.50 22.43
CA ARG B 231 19.47 4.38 22.14
C ARG B 231 20.02 3.16 22.87
N ASN B 232 19.40 2.83 24.02
CA ASN B 232 19.85 1.72 24.83
C ASN B 232 18.66 1.17 25.62
N PHE B 233 17.87 0.31 24.95
CA PHE B 233 16.59 -0.16 25.50
C PHE B 233 16.78 -0.65 26.93
N TRP B 234 17.91 -1.36 27.18
CA TRP B 234 18.18 -1.98 28.48
C TRP B 234 18.26 -0.91 29.58
N SER B 256 26.65 -6.26 25.26
CA SER B 256 26.24 -6.51 23.85
C SER B 256 24.88 -7.21 23.82
N ILE B 257 24.11 -6.97 22.74
CA ILE B 257 22.87 -7.70 22.48
C ILE B 257 23.11 -8.67 21.32
N HIS B 258 22.60 -9.91 21.46
CA HIS B 258 22.94 -11.00 20.56
C HIS B 258 21.73 -11.39 19.69
N HIS B 259 20.51 -11.10 20.17
CA HIS B 259 19.31 -11.31 19.39
C HIS B 259 18.09 -10.75 20.14
N PHE B 260 16.98 -10.57 19.41
CA PHE B 260 15.69 -10.36 20.05
C PHE B 260 14.58 -10.85 19.12
N THR B 261 13.41 -11.06 19.71
CA THR B 261 12.19 -11.34 18.96
C THR B 261 11.04 -10.63 19.65
N CYS B 262 9.85 -10.76 19.07
CA CYS B 262 8.72 -9.94 19.44
C CYS B 262 7.45 -10.77 19.31
N ASP B 263 6.52 -10.60 20.26
CA ASP B 263 5.17 -11.13 20.13
C ASP B 263 4.30 -10.06 19.49
N GLU B 264 3.03 -9.96 19.92
CA GLU B 264 2.11 -8.98 19.38
C GLU B 264 2.28 -7.63 20.09
N GLU B 265 2.88 -7.65 21.30
CA GLU B 265 2.81 -6.50 22.19
C GLU B 265 4.16 -6.21 22.85
N ASN B 266 5.13 -7.12 22.72
CA ASN B 266 6.33 -7.07 23.55
C ASN B 266 7.55 -7.53 22.77
N VAL B 267 8.71 -6.99 23.12
CA VAL B 267 9.98 -7.41 22.58
C VAL B 267 10.73 -8.19 23.64
N PHE B 268 11.38 -9.30 23.23
CA PHE B 268 12.13 -10.15 24.14
C PHE B 268 13.58 -10.21 23.67
N ALA B 269 14.50 -9.71 24.51
CA ALA B 269 15.87 -9.46 24.09
C ALA B 269 16.84 -10.29 24.93
N ALA B 270 18.01 -10.57 24.33
CA ALA B 270 19.07 -11.30 25.02
C ALA B 270 20.32 -10.43 25.10
N VAL B 271 20.43 -9.67 26.19
CA VAL B 271 21.62 -8.89 26.48
C VAL B 271 22.55 -9.72 27.35
N GLY B 272 23.53 -10.36 26.71
CA GLY B 272 24.58 -11.08 27.42
C GLY B 272 24.05 -12.37 28.06
N ARG B 273 24.24 -12.48 29.38
CA ARG B 273 23.79 -13.63 30.14
C ARG B 273 22.33 -13.43 30.59
N GLY B 274 21.77 -12.24 30.29
CA GLY B 274 20.47 -11.84 30.82
C GLY B 274 19.36 -11.99 29.78
N LEU B 275 18.11 -11.86 30.25
CA LEU B 275 16.93 -11.85 29.40
C LEU B 275 16.04 -10.67 29.81
N TYR B 276 15.54 -9.92 28.82
CA TYR B 276 14.88 -8.63 29.06
C TYR B 276 13.60 -8.55 28.22
N VAL B 277 12.64 -7.76 28.71
CA VAL B 277 11.34 -7.62 28.06
C VAL B 277 11.00 -6.13 27.98
N TYR B 278 10.68 -5.66 26.77
CA TYR B 278 10.29 -4.26 26.55
C TYR B 278 8.86 -4.25 26.00
N SER B 279 8.06 -3.31 26.51
CA SER B 279 6.68 -3.14 26.07
C SER B 279 6.64 -2.13 24.92
N LEU B 280 5.95 -2.51 23.85
CA LEU B 280 5.75 -1.62 22.71
C LEU B 280 4.75 -0.52 23.09
N GLN B 281 3.69 -0.90 23.82
CA GLN B 281 2.65 0.03 24.23
C GLN B 281 3.20 0.98 25.30
N MET B 282 3.67 0.41 26.43
CA MET B 282 4.18 1.20 27.53
C MET B 282 5.48 1.91 27.13
N LYS B 283 6.17 1.37 26.11
CA LYS B 283 7.43 1.93 25.61
C LYS B 283 8.45 1.99 26.75
N ARG B 284 8.45 0.95 27.59
CA ARG B 284 9.45 0.80 28.63
C ARG B 284 9.80 -0.68 28.75
N VAL B 285 10.84 -0.98 29.53
CA VAL B 285 11.10 -2.33 29.99
C VAL B 285 10.00 -2.73 30.97
N ILE B 286 9.45 -3.94 30.79
CA ILE B 286 8.40 -4.47 31.65
C ILE B 286 9.02 -5.42 32.67
N ALA B 287 9.88 -6.34 32.19
CA ALA B 287 10.52 -7.34 33.06
C ALA B 287 11.94 -7.64 32.58
N CYS B 288 12.70 -8.35 33.43
CA CYS B 288 14.07 -8.75 33.11
C CYS B 288 14.54 -9.84 34.08
N GLN B 289 15.55 -10.62 33.65
CA GLN B 289 16.22 -11.59 34.51
C GLN B 289 17.72 -11.60 34.16
N LYS B 290 18.50 -10.86 34.97
CA LYS B 290 19.83 -10.40 34.58
C LYS B 290 20.79 -11.58 34.42
N THR B 291 20.54 -12.67 35.16
CA THR B 291 21.39 -13.86 35.09
C THR B 291 20.52 -15.07 34.76
N ALA B 292 20.13 -15.20 33.49
CA ALA B 292 19.27 -16.28 33.04
C ALA B 292 20.12 -17.52 32.71
N HIS B 293 21.39 -17.31 32.36
CA HIS B 293 22.29 -18.39 32.02
C HIS B 293 23.67 -18.09 32.62
N SER B 295 26.38 -18.59 30.83
CA SER B 295 26.56 -18.48 29.35
C SER B 295 25.82 -17.26 28.83
N ASN B 296 26.36 -16.66 27.75
CA ASN B 296 25.71 -15.56 27.05
C ASN B 296 24.54 -16.14 26.24
N VAL B 297 23.38 -15.47 26.32
CA VAL B 297 22.15 -15.99 25.76
C VAL B 297 22.11 -15.66 24.26
N LEU B 298 21.99 -16.71 23.43
CA LEU B 298 22.07 -16.60 21.98
C LEU B 298 20.68 -16.27 21.41
N HIS B 299 19.66 -17.01 21.88
CA HIS B 299 18.30 -16.83 21.38
C HIS B 299 17.33 -16.75 22.55
N VAL B 300 16.10 -16.27 22.28
CA VAL B 300 15.12 -16.01 23.31
C VAL B 300 13.80 -15.61 22.65
N ALA B 301 12.83 -16.56 22.64
CA ALA B 301 11.58 -16.36 21.90
C ALA B 301 10.39 -16.81 22.74
N ARG B 302 9.23 -16.17 22.50
CA ARG B 302 8.02 -16.45 23.24
C ARG B 302 7.28 -17.59 22.54
N LEU B 303 7.21 -18.75 23.22
CA LEU B 303 6.47 -19.90 22.72
C LEU B 303 4.98 -19.61 22.75
N PRO B 304 4.16 -20.30 21.92
CA PRO B 304 2.74 -20.00 21.82
C PRO B 304 1.93 -20.40 23.05
N ASN B 305 2.55 -21.20 23.93
CA ASN B 305 1.93 -21.59 25.19
C ASN B 305 1.90 -20.41 26.16
N ARG B 306 2.18 -19.20 25.63
CA ARG B 306 2.21 -17.98 26.43
C ARG B 306 3.48 -17.97 27.29
N GLN B 307 4.56 -18.50 26.73
CA GLN B 307 5.79 -18.75 27.48
C GLN B 307 6.97 -18.09 26.77
N LEU B 308 8.17 -18.36 27.27
CA LEU B 308 9.40 -17.97 26.58
C LEU B 308 10.39 -19.11 26.67
N ILE B 309 11.24 -19.23 25.64
CA ILE B 309 12.33 -20.17 25.64
C ILE B 309 13.63 -19.40 25.39
N SER B 310 14.72 -19.87 26.00
CA SER B 310 16.01 -19.21 25.89
C SER B 310 17.09 -20.24 25.63
N CYS B 311 18.14 -19.84 24.94
CA CYS B 311 19.18 -20.75 24.47
C CYS B 311 20.55 -20.15 24.77
N SER B 312 21.53 -21.03 25.00
CA SER B 312 22.84 -20.63 25.46
C SER B 312 23.91 -21.18 24.52
N GLU B 313 25.11 -20.59 24.60
CA GLU B 313 26.24 -21.06 23.82
C GLU B 313 26.76 -22.37 24.42
N ASP B 314 26.50 -22.57 25.73
CA ASP B 314 26.86 -23.80 26.43
C ASP B 314 26.00 -24.96 25.91
N GLY B 315 24.71 -24.69 25.66
CA GLY B 315 23.78 -25.72 25.18
C GLY B 315 22.49 -25.79 26.01
N SER B 316 22.47 -25.05 27.13
CA SER B 316 21.30 -25.03 27.99
C SER B 316 20.12 -24.37 27.26
N VAL B 317 18.94 -25.01 27.38
CA VAL B 317 17.67 -24.42 26.99
C VAL B 317 16.81 -24.24 28.24
N ARG B 318 16.11 -23.10 28.34
CA ARG B 318 15.29 -22.79 29.49
C ARG B 318 13.95 -22.27 29.03
N ILE B 319 12.89 -22.58 29.80
CA ILE B 319 11.53 -22.15 29.47
C ILE B 319 10.99 -21.32 30.64
N TRP B 320 10.20 -20.28 30.31
CA TRP B 320 9.86 -19.23 31.26
C TRP B 320 8.39 -18.84 31.13
N GLU B 321 7.87 -18.24 32.21
CA GLU B 321 6.64 -17.46 32.18
C GLU B 321 6.90 -16.11 32.85
N LEU B 322 6.05 -15.12 32.58
CA LEU B 322 6.20 -13.78 33.15
C LEU B 322 4.99 -13.46 34.04
N GLN B 326 5.13 -8.00 36.67
CA GLN B 326 5.58 -9.17 35.87
C GLN B 326 7.09 -9.36 36.07
N GLN B 327 7.48 -10.60 36.37
CA GLN B 327 8.87 -11.00 36.43
C GLN B 327 8.98 -12.42 35.91
N LEU B 328 9.99 -12.67 35.06
CA LEU B 328 10.14 -13.96 34.40
C LEU B 328 10.50 -15.02 35.45
N GLU B 329 9.83 -16.18 35.38
CA GLU B 329 10.12 -17.30 36.27
C GLU B 329 10.43 -18.54 35.43
N LEU B 330 11.51 -19.25 35.82
CA LEU B 330 11.95 -20.43 35.09
C LEU B 330 10.98 -21.57 35.35
N ILE B 331 10.28 -22.02 34.30
CA ILE B 331 9.30 -23.08 34.40
C ILE B 331 9.95 -24.43 34.10
N GLY B 332 11.11 -24.41 33.42
CA GLY B 332 11.72 -25.64 32.95
C GLY B 332 13.15 -25.44 32.49
N ASP B 333 13.90 -26.54 32.43
CA ASP B 333 15.29 -26.54 32.00
C ASP B 333 15.53 -27.79 31.16
N LEU B 334 15.74 -27.59 29.85
CA LEU B 334 15.87 -28.69 28.91
C LEU B 334 17.35 -29.01 28.69
N ILE B 335 17.75 -30.26 29.01
CA ILE B 335 19.15 -30.68 28.96
C ILE B 335 19.29 -31.83 27.96
N GLY B 336 20.27 -31.70 27.05
CA GLY B 336 20.43 -32.67 25.97
C GLY B 336 21.46 -32.21 24.96
N HIS B 337 21.45 -30.91 24.63
CA HIS B 337 22.41 -30.36 23.69
C HIS B 337 23.71 -30.07 24.44
N SER B 338 24.83 -30.19 23.73
CA SER B 338 26.15 -29.95 24.31
C SER B 338 26.80 -28.71 23.68
N SER B 339 26.02 -27.94 22.92
CA SER B 339 26.57 -26.82 22.16
C SER B 339 25.45 -25.90 21.68
N SER B 340 25.84 -24.76 21.09
CA SER B 340 24.94 -23.67 20.76
C SER B 340 23.67 -24.19 20.08
N VAL B 341 22.51 -23.85 20.65
CA VAL B 341 21.23 -24.14 20.03
C VAL B 341 20.86 -22.99 19.10
N GLU B 342 20.65 -23.32 17.81
CA GLU B 342 20.58 -22.33 16.74
C GLU B 342 19.14 -21.90 16.48
N MET B 343 18.17 -22.80 16.71
CA MET B 343 16.76 -22.54 16.38
C MET B 343 15.86 -23.47 17.20
N PHE B 344 14.58 -23.10 17.29
CA PHE B 344 13.55 -23.90 17.92
C PHE B 344 12.32 -23.93 17.02
N LEU B 345 11.62 -25.08 17.00
CA LEU B 345 10.27 -25.16 16.47
C LEU B 345 9.33 -25.65 17.57
N TYR B 346 8.05 -25.29 17.45
CA TYR B 346 7.03 -25.78 18.37
C TYR B 346 5.89 -26.36 17.55
N PHE B 347 5.61 -27.65 17.78
CA PHE B 347 4.34 -28.25 17.40
C PHE B 347 3.48 -28.42 18.64
N GLU B 348 2.21 -28.01 18.54
CA GLU B 348 1.27 -28.13 19.63
C GLU B 348 1.02 -29.61 19.93
N ASP B 349 1.25 -30.49 18.94
CA ASP B 349 0.84 -31.88 19.04
C ASP B 349 2.03 -32.84 18.83
N HIS B 350 3.25 -32.29 18.69
CA HIS B 350 4.43 -33.13 18.50
C HIS B 350 5.62 -32.60 19.31
N GLY B 351 5.40 -31.55 20.11
CA GLY B 351 6.37 -31.12 21.12
C GLY B 351 7.27 -29.99 20.60
N LEU B 352 8.55 -30.05 20.99
CA LEU B 352 9.50 -29.00 20.72
C LEU B 352 10.65 -29.58 19.90
N VAL B 353 11.22 -28.77 19.02
CA VAL B 353 12.36 -29.20 18.22
C VAL B 353 13.47 -28.21 18.43
N THR B 354 14.71 -28.73 18.59
CA THR B 354 15.90 -27.89 18.69
C THR B 354 16.96 -28.47 17.79
N CYS B 355 17.74 -27.57 17.15
CA CYS B 355 18.94 -27.94 16.43
C CYS B 355 20.13 -27.20 17.05
N SER B 356 21.35 -27.75 16.85
CA SER B 356 22.50 -27.27 17.60
C SER B 356 23.78 -27.38 16.79
N ALA B 357 24.79 -26.62 17.22
CA ALA B 357 26.14 -26.70 16.68
C ALA B 357 26.79 -28.06 16.99
N ASP B 358 26.13 -28.88 17.84
CA ASP B 358 26.60 -30.24 18.15
C ASP B 358 26.16 -31.24 17.07
N HIS B 359 25.54 -30.73 15.98
CA HIS B 359 25.19 -31.55 14.81
C HIS B 359 23.87 -32.29 15.02
N LEU B 360 23.22 -32.10 16.19
CA LEU B 360 22.09 -32.91 16.56
C LEU B 360 20.81 -32.08 16.49
N ILE B 361 19.69 -32.79 16.33
CA ILE B 361 18.37 -32.27 16.57
C ILE B 361 17.71 -33.13 17.66
N ILE B 362 16.99 -32.49 18.58
CA ILE B 362 16.27 -33.22 19.59
C ILE B 362 14.79 -32.88 19.51
N LEU B 363 13.93 -33.92 19.60
CA LEU B 363 12.49 -33.77 19.78
C LEU B 363 12.15 -33.96 21.27
N TRP B 364 11.56 -32.92 21.87
CA TRP B 364 11.20 -32.93 23.27
C TRP B 364 9.69 -33.17 23.41
N LYS B 365 9.32 -34.32 24.03
CA LYS B 365 7.93 -34.75 24.07
C LYS B 365 7.50 -34.97 25.52
N ASN B 366 6.23 -34.63 25.82
CA ASN B 366 5.66 -34.79 27.15
C ASN B 366 4.56 -35.85 27.10
#